data_3ALU
#
_entry.id   3ALU
#
_cell.length_a   41.808
_cell.length_b   78.159
_cell.length_c   102.883
_cell.angle_alpha   90.00
_cell.angle_beta   96.82
_cell.angle_gamma   90.00
#
_symmetry.space_group_name_H-M   'P 1 21 1'
#
loop_
_entity.id
_entity.type
_entity.pdbx_description
1 polymer 'Lectin CEL-IV, C-type'
2 branched alpha-D-galactopyranose-(1-6)-alpha-D-glucopyranose-(1-2)-beta-D-fructofuranose
3 non-polymer 1,2-ETHANEDIOL
4 non-polymer 'CALCIUM ION'
5 water water
#
_entity_poly.entity_id   1
_entity_poly.type   'polypeptide(L)'
_entity_poly.pdbx_seq_one_letter_code
;CLTSCPPLWTGFNGKCFRLFHNHLNFDNAENACRQFGLASCSGDELATGHLASIHSAESQAFLTELVKTSLPDLITGGWA
PQVYIGMKVGSTNSDQTWTDGSSVDYDGWVSGEPNNGPNSRGAIAAGDYSRGFWADVYSNNNFKYICQLPCVHYTLE
;
_entity_poly.pdbx_strand_id   A,B,C,D
#
loop_
_chem_comp.id
_chem_comp.type
_chem_comp.name
_chem_comp.formula
CA non-polymer 'CALCIUM ION' 'Ca 2'
EDO non-polymer 1,2-ETHANEDIOL 'C2 H6 O2'
FRU D-saccharide, beta linking beta-D-fructofuranose 'C6 H12 O6'
GLA D-saccharide, alpha linking alpha-D-galactopyranose 'C6 H12 O6'
GLC D-saccharide, alpha linking alpha-D-glucopyranose 'C6 H12 O6'
#
# COMPACT_ATOMS: atom_id res chain seq x y z
N CYS A 1 8.02 -1.05 1.50
CA CYS A 1 6.98 -0.26 0.80
C CYS A 1 7.19 -0.13 -0.72
N LEU A 2 6.08 -0.26 -1.42
CA LEU A 2 5.89 0.34 -2.72
C LEU A 2 4.88 1.43 -2.43
N THR A 3 4.92 2.51 -3.21
CA THR A 3 3.85 3.52 -3.16
C THR A 3 2.50 2.95 -3.68
N SER A 4 1.40 3.20 -2.93
CA SER A 4 0.04 2.84 -3.35
C SER A 4 -0.67 4.00 -4.05
N CYS A 5 -1.20 3.72 -5.23
CA CYS A 5 -1.89 4.74 -6.05
C CYS A 5 -3.18 4.23 -6.66
N PRO A 6 -4.06 5.15 -7.07
CA PRO A 6 -5.26 4.65 -7.73
C PRO A 6 -4.99 4.18 -9.18
N PRO A 7 -5.94 3.46 -9.78
CA PRO A 7 -5.82 2.99 -11.13
C PRO A 7 -5.53 4.12 -12.09
N LEU A 8 -4.57 3.86 -12.96
CA LEU A 8 -4.07 4.79 -14.00
C LEU A 8 -3.02 5.75 -13.46
N TRP A 9 -2.87 5.81 -12.14
CA TRP A 9 -1.82 6.67 -11.55
C TRP A 9 -0.60 5.79 -11.28
N THR A 10 0.57 6.40 -11.10
CA THR A 10 1.76 5.61 -10.85
C THR A 10 2.62 6.31 -9.80
N GLY A 11 3.26 5.51 -8.94
CA GLY A 11 3.87 6.00 -7.68
C GLY A 11 5.38 6.07 -7.75
N PHE A 12 5.94 7.07 -7.10
CA PHE A 12 7.39 7.18 -6.91
C PHE A 12 7.61 7.93 -5.65
N ASN A 13 8.41 7.31 -4.77
CA ASN A 13 8.82 7.93 -3.50
C ASN A 13 7.66 8.53 -2.70
N GLY A 14 6.55 7.80 -2.63
CA GLY A 14 5.42 8.23 -1.81
C GLY A 14 4.39 9.12 -2.45
N LYS A 15 4.63 9.50 -3.70
CA LYS A 15 3.69 10.38 -4.43
C LYS A 15 3.12 9.68 -5.65
N CYS A 16 1.92 10.11 -6.08
CA CYS A 16 1.24 9.48 -7.19
C CYS A 16 1.11 10.50 -8.33
N PHE A 17 1.49 10.05 -9.52
CA PHE A 17 1.55 10.93 -10.68
C PHE A 17 0.76 10.38 -11.84
N ARG A 18 0.34 11.29 -12.71
CA ARG A 18 -0.31 10.90 -13.95
C ARG A 18 -0.09 11.98 -15.02
N LEU A 19 0.36 11.51 -16.17
CA LEU A 19 0.49 12.34 -17.37
C LEU A 19 -0.81 12.45 -18.12
N PHE A 20 -1.20 13.68 -18.40
CA PHE A 20 -2.45 13.93 -19.17
C PHE A 20 -2.12 14.44 -20.57
N HIS A 21 -2.92 13.97 -21.54
CA HIS A 21 -2.61 14.15 -22.96
C HIS A 21 -3.31 15.28 -23.64
N ASN A 22 -4.30 15.89 -22.96
CA ASN A 22 -4.95 17.06 -23.54
C ASN A 22 -4.07 18.27 -23.29
N HIS A 23 -4.14 19.23 -24.20
CA HIS A 23 -3.19 20.32 -24.15
C HIS A 23 -3.92 21.47 -23.51
N LEU A 24 -3.37 21.97 -22.41
CA LEU A 24 -3.99 23.04 -21.67
C LEU A 24 -2.95 24.11 -21.40
N ASN A 25 -3.42 25.34 -21.19
CA ASN A 25 -2.48 26.38 -20.74
C ASN A 25 -2.15 26.19 -19.26
N PHE A 26 -1.23 26.97 -18.72
CA PHE A 26 -0.74 26.63 -17.39
C PHE A 26 -1.83 26.66 -16.35
N ASP A 27 -2.62 27.72 -16.34
CA ASP A 27 -3.64 27.89 -15.29
C ASP A 27 -4.71 26.81 -15.43
N ASN A 28 -5.09 26.47 -16.66
CA ASN A 28 -6.08 25.42 -16.87
C ASN A 28 -5.55 24.01 -16.55
N ALA A 29 -4.24 23.80 -16.76
CA ALA A 29 -3.60 22.52 -16.37
C ALA A 29 -3.59 22.41 -14.87
N GLU A 30 -3.15 23.46 -14.17
CA GLU A 30 -3.22 23.43 -12.71
C GLU A 30 -4.67 23.16 -12.21
N ASN A 31 -5.65 23.85 -12.79
CA ASN A 31 -7.02 23.65 -12.36
C ASN A 31 -7.51 22.22 -12.65
N ALA A 32 -7.03 21.63 -13.73
CA ALA A 32 -7.36 20.24 -14.08
C ALA A 32 -6.86 19.33 -12.96
N CYS A 33 -5.62 19.56 -12.51
CA CYS A 33 -5.07 18.75 -11.42
C CYS A 33 -5.83 18.95 -10.10
N ARG A 34 -6.37 20.15 -9.87
CA ARG A 34 -7.10 20.46 -8.65
C ARG A 34 -8.45 19.76 -8.58
N GLN A 35 -8.87 19.12 -9.67
CA GLN A 35 -10.14 18.36 -9.70
C GLN A 35 -10.01 17.06 -8.94
N PHE A 36 -8.78 16.60 -8.79
CA PHE A 36 -8.51 15.46 -7.94
C PHE A 36 -8.33 15.95 -6.50
N GLY A 37 -8.95 15.24 -5.58
CA GLY A 37 -8.94 15.70 -4.19
C GLY A 37 -8.56 14.63 -3.18
N LEU A 38 -8.38 15.10 -1.95
CA LEU A 38 -8.23 14.23 -0.79
C LEU A 38 -9.29 14.67 0.19
N ALA A 39 -10.14 13.73 0.61
CA ALA A 39 -11.23 14.10 1.47
C ALA A 39 -11.13 13.26 2.73
N SER A 40 -11.59 13.80 3.85
CA SER A 40 -11.76 12.97 5.04
C SER A 40 -12.93 12.02 4.77
N CYS A 41 -12.94 10.89 5.48
CA CYS A 41 -14.02 9.92 5.28
C CYS A 41 -15.38 10.46 5.74
N SER A 42 -15.38 11.41 6.68
CA SER A 42 -16.62 12.07 7.09
C SER A 42 -17.06 13.16 6.09
N GLY A 43 -16.31 13.33 5.00
CA GLY A 43 -16.74 14.13 3.85
C GLY A 43 -16.19 15.54 3.65
N ASP A 44 -15.11 15.89 4.36
CA ASP A 44 -14.54 17.24 4.26
C ASP A 44 -13.35 17.22 3.28
N GLU A 45 -13.33 18.11 2.28
CA GLU A 45 -12.13 18.21 1.40
C GLU A 45 -10.96 18.83 2.16
N LEU A 46 -9.83 18.13 2.12
CA LEU A 46 -8.67 18.51 2.88
C LEU A 46 -7.60 19.13 2.00
N ALA A 47 -7.50 18.60 0.80
CA ALA A 47 -6.43 19.03 -0.14
C ALA A 47 -6.81 18.74 -1.58
N THR A 48 -6.15 19.39 -2.55
CA THR A 48 -6.33 19.04 -3.98
C THR A 48 -5.05 18.56 -4.58
N GLY A 49 -5.17 17.90 -5.72
CA GLY A 49 -4.00 17.65 -6.56
C GLY A 49 -3.47 18.97 -7.13
N HIS A 50 -2.32 18.87 -7.78
CA HIS A 50 -1.59 20.02 -8.32
C HIS A 50 -0.74 19.51 -9.46
N LEU A 51 -0.31 20.43 -10.30
CA LEU A 51 0.74 20.06 -11.23
C LEU A 51 1.92 19.56 -10.38
N ALA A 52 2.71 18.63 -10.95
CA ALA A 52 3.74 17.94 -10.19
C ALA A 52 4.83 18.90 -9.72
N SER A 53 5.29 18.70 -8.50
CA SER A 53 6.54 19.38 -8.05
C SER A 53 7.67 18.35 -8.03
N ILE A 54 8.94 18.79 -7.98
CA ILE A 54 10.07 17.87 -8.20
C ILE A 54 11.14 18.29 -7.21
N HIS A 55 11.66 17.32 -6.43
CA HIS A 55 12.50 17.68 -5.26
C HIS A 55 13.84 16.99 -5.19
N SER A 56 14.16 16.26 -6.23
CA SER A 56 15.44 15.53 -6.30
C SER A 56 15.78 15.11 -7.71
N ALA A 57 17.07 14.79 -7.92
CA ALA A 57 17.54 14.29 -9.19
C ALA A 57 16.85 12.97 -9.57
N GLU A 58 16.63 12.10 -8.59
CA GLU A 58 15.92 10.85 -8.80
C GLU A 58 14.47 11.08 -9.21
N SER A 59 13.80 12.03 -8.55
CA SER A 59 12.38 12.33 -8.96
C SER A 59 12.40 12.90 -10.38
N GLN A 60 13.38 13.74 -10.71
CA GLN A 60 13.46 14.30 -12.03
C GLN A 60 13.66 13.18 -13.03
N ALA A 61 14.52 12.21 -12.69
CA ALA A 61 14.78 11.10 -13.59
C ALA A 61 13.51 10.28 -13.78
N PHE A 62 12.76 10.08 -12.70
CA PHE A 62 11.53 9.28 -12.79
C PHE A 62 10.52 9.97 -13.71
N LEU A 63 10.29 11.27 -13.49
CA LEU A 63 9.31 11.97 -14.33
C LEU A 63 9.71 12.07 -15.79
N THR A 64 11.00 12.22 -16.06
CA THR A 64 11.49 12.20 -17.43
C THR A 64 11.19 10.84 -18.10
N GLU A 65 11.42 9.76 -17.34
CA GLU A 65 11.23 8.41 -17.88
C GLU A 65 9.72 8.21 -18.08
N LEU A 66 8.91 8.75 -17.18
CA LEU A 66 7.45 8.69 -17.35
C LEU A 66 7.04 9.35 -18.67
N VAL A 67 7.57 10.55 -18.93
CA VAL A 67 7.21 11.24 -20.14
C VAL A 67 7.75 10.53 -21.39
N LYS A 68 9.02 10.13 -21.35
CA LYS A 68 9.64 9.60 -22.56
C LYS A 68 9.13 8.23 -22.89
N THR A 69 8.86 7.42 -21.89
CA THR A 69 8.24 6.09 -22.19
C THR A 69 6.77 6.22 -22.59
N SER A 70 6.08 7.27 -22.14
CA SER A 70 4.67 7.47 -22.52
C SER A 70 4.50 8.12 -23.90
N LEU A 71 5.47 8.92 -24.32
CA LEU A 71 5.37 9.70 -25.56
C LEU A 71 6.50 9.37 -26.55
N PRO A 72 6.82 8.08 -26.78
CA PRO A 72 8.09 7.85 -27.52
C PRO A 72 8.09 8.39 -28.95
N ASP A 73 6.93 8.42 -29.61
CA ASP A 73 6.86 8.87 -31.00
C ASP A 73 6.85 10.40 -31.09
N LEU A 74 6.73 11.07 -29.95
CA LEU A 74 6.67 12.52 -29.98
C LEU A 74 8.02 13.14 -29.66
N ILE A 75 8.99 12.33 -29.24
CA ILE A 75 10.32 12.88 -28.86
C ILE A 75 11.04 13.48 -30.09
N THR A 76 11.36 14.78 -30.02
CA THR A 76 12.03 15.45 -31.16
C THR A 76 13.50 15.67 -30.88
N GLY A 77 14.20 16.28 -31.84
CA GLY A 77 15.57 16.74 -31.62
C GLY A 77 15.60 18.06 -30.88
N GLY A 78 14.42 18.68 -30.72
CA GLY A 78 14.31 19.99 -30.03
C GLY A 78 13.94 19.83 -28.55
N TRP A 79 13.21 20.79 -28.02
CA TRP A 79 12.66 20.72 -26.67
C TRP A 79 11.46 19.79 -26.58
N ALA A 80 10.69 19.71 -27.67
CA ALA A 80 9.40 19.01 -27.69
C ALA A 80 9.59 17.51 -27.54
N PRO A 81 8.69 16.86 -26.79
CA PRO A 81 7.49 17.44 -26.16
C PRO A 81 7.73 18.12 -24.79
N GLN A 82 7.05 19.25 -24.57
CA GLN A 82 7.14 19.96 -23.32
C GLN A 82 5.88 19.64 -22.53
N VAL A 83 6.07 19.35 -21.25
CA VAL A 83 4.98 18.91 -20.39
C VAL A 83 5.01 19.75 -19.14
N TYR A 84 3.92 20.45 -18.83
CA TYR A 84 3.88 21.31 -17.67
C TYR A 84 4.10 20.60 -16.37
N ILE A 85 4.90 21.24 -15.51
CA ILE A 85 4.97 20.89 -14.10
C ILE A 85 4.58 22.14 -13.29
N GLY A 86 4.55 22.03 -11.98
CA GLY A 86 3.94 23.10 -11.15
C GLY A 86 4.83 24.31 -10.85
N MET A 87 5.80 24.60 -11.73
CA MET A 87 6.80 25.66 -11.48
C MET A 87 6.36 27.04 -11.97
N LYS A 88 6.39 28.05 -11.07
CA LYS A 88 6.09 29.42 -11.47
C LYS A 88 7.33 30.26 -11.18
N VAL A 89 7.77 30.98 -12.20
CA VAL A 89 8.86 31.95 -12.05
C VAL A 89 8.20 33.32 -12.00
N GLY A 90 8.41 34.04 -10.88
CA GLY A 90 7.70 35.30 -10.60
C GLY A 90 8.44 36.51 -11.16
N SER A 91 8.49 37.59 -10.38
CA SER A 91 8.93 38.88 -10.93
C SER A 91 10.42 38.90 -11.22
N THR A 92 11.17 38.07 -10.48
CA THR A 92 12.59 37.83 -10.79
C THR A 92 12.84 36.33 -10.74
N ASN A 93 14.03 35.92 -11.19
CA ASN A 93 14.31 34.49 -11.34
C ASN A 93 14.48 33.78 -10.01
N SER A 94 14.77 34.53 -8.94
CA SER A 94 14.79 33.89 -7.62
C SER A 94 13.39 33.62 -7.07
N ASP A 95 12.35 34.16 -7.71
CA ASP A 95 11.00 34.01 -7.22
C ASP A 95 10.38 32.76 -7.80
N GLN A 96 10.94 31.62 -7.43
CA GLN A 96 10.44 30.33 -7.96
C GLN A 96 9.58 29.69 -6.90
N THR A 97 8.39 29.20 -7.31
CA THR A 97 7.46 28.53 -6.40
C THR A 97 6.83 27.36 -7.13
N TRP A 98 6.38 26.40 -6.33
CA TRP A 98 5.59 25.30 -6.82
C TRP A 98 4.14 25.54 -6.44
N THR A 99 3.23 25.15 -7.34
CA THR A 99 1.79 25.31 -7.07
C THR A 99 1.32 24.55 -5.85
N ASP A 100 2.02 23.49 -5.47
CA ASP A 100 1.66 22.76 -4.25
C ASP A 100 2.22 23.38 -2.96
N GLY A 101 2.95 24.49 -3.07
CA GLY A 101 3.47 25.18 -1.90
C GLY A 101 4.70 24.55 -1.30
N SER A 102 5.25 23.53 -1.96
CA SER A 102 6.46 22.87 -1.46
C SER A 102 7.72 23.73 -1.75
N SER A 103 8.83 23.41 -1.09
CA SER A 103 10.06 24.20 -1.26
C SER A 103 10.67 23.94 -2.63
N VAL A 104 11.29 24.95 -3.19
CA VAL A 104 12.10 24.76 -4.39
C VAL A 104 13.50 24.42 -3.90
N ASP A 105 13.70 23.14 -3.65
CA ASP A 105 14.93 22.60 -3.08
C ASP A 105 15.71 21.76 -4.10
N TYR A 106 15.24 21.77 -5.36
CA TYR A 106 15.89 21.10 -6.48
C TYR A 106 15.80 21.97 -7.73
N ASP A 107 16.93 22.06 -8.41
CA ASP A 107 17.14 22.86 -9.60
C ASP A 107 17.29 21.95 -10.81
N GLY A 108 16.25 21.86 -11.65
CA GLY A 108 16.29 20.99 -12.80
C GLY A 108 16.31 21.71 -14.13
N TRP A 109 16.62 22.99 -14.10
CA TRP A 109 16.60 23.82 -15.29
C TRP A 109 17.70 23.45 -16.30
N VAL A 110 17.35 23.40 -17.58
CA VAL A 110 18.33 23.30 -18.67
C VAL A 110 19.23 24.55 -18.52
N SER A 111 20.52 24.42 -18.82
CA SER A 111 21.39 25.59 -18.82
C SER A 111 20.84 26.74 -19.63
N GLY A 112 20.88 27.95 -19.02
CA GLY A 112 20.27 29.14 -19.62
C GLY A 112 18.80 29.43 -19.33
N GLU A 113 18.13 28.46 -18.68
CA GLU A 113 16.75 28.62 -18.17
C GLU A 113 16.76 28.83 -16.66
N PRO A 114 15.80 29.61 -16.12
CA PRO A 114 14.72 30.33 -16.82
C PRO A 114 15.23 31.59 -17.49
N ASN A 115 14.68 31.91 -18.65
CA ASN A 115 15.12 33.09 -19.39
C ASN A 115 13.96 33.89 -19.97
N ASN A 116 12.73 33.52 -19.59
CA ASN A 116 11.52 34.17 -20.11
C ASN A 116 10.72 34.90 -19.04
N GLY A 117 11.33 35.07 -17.87
CA GLY A 117 10.69 35.91 -16.82
C GLY A 117 10.50 37.36 -17.23
N PRO A 118 9.62 38.11 -16.52
CA PRO A 118 8.92 37.70 -15.31
C PRO A 118 7.72 36.83 -15.63
N ASN A 119 7.25 36.09 -14.63
CA ASN A 119 5.95 35.40 -14.77
C ASN A 119 5.89 34.38 -15.87
N SER A 120 6.88 33.51 -15.90
CA SER A 120 6.91 32.37 -16.84
C SER A 120 6.61 31.09 -16.06
N ARG A 121 6.56 29.96 -16.77
CA ARG A 121 6.11 28.69 -16.17
C ARG A 121 7.06 27.58 -16.59
N GLY A 122 7.31 26.65 -15.70
CA GLY A 122 8.22 25.55 -16.04
C GLY A 122 7.58 24.34 -16.70
N ALA A 123 8.36 23.65 -17.54
CA ALA A 123 7.89 22.44 -18.20
C ALA A 123 9.06 21.51 -18.33
N ILE A 124 8.80 20.22 -18.15
CA ILE A 124 9.77 19.20 -18.53
C ILE A 124 9.87 19.22 -20.04
N ALA A 125 11.08 19.41 -20.57
CA ALA A 125 11.24 19.47 -22.01
C ALA A 125 11.88 18.15 -22.42
N ALA A 126 11.07 17.18 -22.88
CA ALA A 126 11.59 15.82 -23.04
C ALA A 126 12.25 15.52 -24.37
N GLY A 127 12.21 16.51 -25.27
CA GLY A 127 12.97 16.40 -26.52
C GLY A 127 14.45 16.23 -26.29
N ASP A 128 15.16 15.79 -27.31
CA ASP A 128 16.58 15.46 -27.16
C ASP A 128 17.49 16.65 -26.87
N TYR A 129 17.03 17.86 -27.14
CA TYR A 129 17.85 19.05 -26.86
C TYR A 129 18.06 19.19 -25.35
N SER A 130 17.04 18.83 -24.58
CA SER A 130 16.96 19.15 -23.14
C SER A 130 16.96 17.91 -22.24
N ARG A 131 16.64 16.76 -22.83
CA ARG A 131 16.69 15.46 -22.11
C ARG A 131 15.85 15.44 -20.84
N GLY A 132 14.72 16.17 -20.88
CA GLY A 132 13.77 16.20 -19.74
C GLY A 132 13.99 17.38 -18.79
N PHE A 133 15.17 18.00 -18.82
CA PHE A 133 15.36 19.11 -17.91
C PHE A 133 14.45 20.28 -18.32
N TRP A 134 14.30 21.26 -17.44
CA TRP A 134 13.16 22.18 -17.56
C TRP A 134 13.43 23.38 -18.45
N ALA A 135 12.39 23.82 -19.14
CA ALA A 135 12.39 25.10 -19.85
C ALA A 135 11.35 25.98 -19.20
N ASP A 136 11.56 27.30 -19.18
CA ASP A 136 10.43 28.16 -18.83
C ASP A 136 9.77 28.70 -20.09
N VAL A 137 8.45 28.85 -20.00
CA VAL A 137 7.65 29.23 -21.16
C VAL A 137 6.59 30.21 -20.72
N TYR A 138 6.01 30.93 -21.69
CA TYR A 138 4.88 31.79 -21.35
C TYR A 138 3.65 30.93 -21.12
N SER A 139 2.82 31.41 -20.20
CA SER A 139 1.75 30.62 -19.58
C SER A 139 0.61 30.29 -20.53
N ASN A 140 0.56 30.99 -21.65
CA ASN A 140 -0.50 30.72 -22.59
C ASN A 140 -0.18 29.53 -23.50
N ASN A 141 1.03 28.98 -23.44
CA ASN A 141 1.31 27.75 -24.17
C ASN A 141 0.41 26.61 -23.72
N ASN A 142 -0.13 25.87 -24.69
CA ASN A 142 -1.06 24.74 -24.43
C ASN A 142 -0.26 23.43 -24.52
N PHE A 143 0.06 22.82 -23.38
CA PHE A 143 0.87 21.60 -23.33
C PHE A 143 0.15 20.46 -22.57
N LYS A 144 0.63 19.24 -22.81
CA LYS A 144 0.37 18.11 -21.91
C LYS A 144 0.94 18.48 -20.52
N TYR A 145 0.57 17.72 -19.50
CA TYR A 145 0.89 18.14 -18.13
C TYR A 145 0.88 16.92 -17.24
N ILE A 146 1.67 16.96 -16.18
CA ILE A 146 1.65 15.92 -15.15
C ILE A 146 1.05 16.44 -13.86
N CYS A 147 0.03 15.73 -13.40
CA CYS A 147 -0.57 15.97 -12.07
C CYS A 147 0.05 15.07 -11.00
N GLN A 148 0.02 15.56 -9.76
CA GLN A 148 0.30 14.73 -8.58
C GLN A 148 -0.95 14.77 -7.70
N LEU A 149 -1.30 13.63 -7.11
CA LEU A 149 -2.36 13.63 -6.11
C LEU A 149 -1.83 14.30 -4.85
N PRO A 150 -2.72 14.76 -3.95
CA PRO A 150 -2.29 15.38 -2.73
C PRO A 150 -1.26 14.50 -2.01
N CYS A 151 -0.12 15.09 -1.67
CA CYS A 151 0.98 14.39 -1.02
C CYS A 151 0.80 14.57 0.49
N VAL A 152 0.62 13.45 1.19
CA VAL A 152 0.37 13.52 2.63
C VAL A 152 1.08 12.40 3.34
N HIS A 153 1.37 12.63 4.62
CA HIS A 153 1.98 11.61 5.44
C HIS A 153 1.42 11.70 6.87
N TYR A 154 1.45 10.57 7.56
CA TYR A 154 1.03 10.55 8.96
C TYR A 154 2.08 11.19 9.84
N THR A 155 1.64 11.89 10.87
CA THR A 155 2.56 12.50 11.82
C THR A 155 2.36 11.78 13.15
N LEU A 156 3.38 11.04 13.59
CA LEU A 156 3.19 10.10 14.70
C LEU A 156 3.81 10.62 16.00
N GLU A 157 3.90 11.94 16.08
CA GLU A 157 4.60 12.64 17.17
C GLU A 157 3.78 12.65 18.48
N CYS B 1 -8.37 0.20 0.78
CA CYS B 1 -7.13 -0.26 0.06
C CYS B 1 -7.02 0.31 -1.38
N LEU B 2 -5.79 0.70 -1.73
CA LEU B 2 -5.38 0.94 -3.12
C LEU B 2 -4.37 -0.14 -3.45
N THR B 3 -4.02 -0.32 -4.73
CA THR B 3 -3.01 -1.33 -5.12
C THR B 3 -1.61 -0.73 -5.21
N SER B 4 -0.63 -1.40 -4.61
CA SER B 4 0.71 -0.87 -4.63
C SER B 4 1.55 -1.58 -5.69
N CYS B 5 2.19 -0.77 -6.54
CA CYS B 5 2.87 -1.24 -7.72
C CYS B 5 4.18 -0.47 -7.85
N PRO B 6 5.16 -1.03 -8.57
CA PRO B 6 6.43 -0.33 -8.74
C PRO B 6 6.22 0.90 -9.64
N PRO B 7 7.16 1.85 -9.62
CA PRO B 7 7.08 3.02 -10.49
C PRO B 7 6.94 2.66 -11.97
N LEU B 8 6.08 3.40 -12.66
CA LEU B 8 5.74 3.20 -14.09
C LEU B 8 4.65 2.12 -14.28
N TRP B 9 4.37 1.34 -13.25
CA TRP B 9 3.28 0.32 -13.31
C TRP B 9 2.03 0.93 -12.70
N THR B 10 0.89 0.34 -12.98
CA THR B 10 -0.35 0.90 -12.42
C THR B 10 -1.27 -0.27 -12.02
N GLY B 11 -2.06 -0.06 -10.97
CA GLY B 11 -2.74 -1.17 -10.28
C GLY B 11 -4.23 -1.18 -10.47
N PHE B 12 -4.81 -2.38 -10.46
CA PHE B 12 -6.25 -2.51 -10.48
C PHE B 12 -6.55 -3.85 -9.86
N ASN B 13 -7.39 -3.84 -8.84
CA ASN B 13 -7.90 -5.06 -8.27
C ASN B 13 -6.78 -5.98 -7.75
N GLY B 14 -5.78 -5.39 -7.15
CA GLY B 14 -4.67 -6.13 -6.56
C GLY B 14 -3.62 -6.61 -7.57
N LYS B 15 -3.68 -6.10 -8.80
CA LYS B 15 -2.73 -6.56 -9.83
C LYS B 15 -2.06 -5.35 -10.44
N CYS B 16 -0.83 -5.52 -10.90
CA CYS B 16 -0.04 -4.41 -11.46
C CYS B 16 0.24 -4.62 -12.93
N PHE B 17 -0.01 -3.58 -13.74
CA PHE B 17 0.02 -3.66 -15.18
C PHE B 17 0.88 -2.56 -15.78
N ARG B 18 1.41 -2.80 -16.98
CA ARG B 18 2.14 -1.78 -17.72
C ARG B 18 2.04 -2.05 -19.21
N LEU B 19 1.69 -0.98 -19.97
CA LEU B 19 1.61 -0.99 -21.41
C LEU B 19 2.99 -0.68 -21.92
N PHE B 20 3.48 -1.57 -22.77
CA PHE B 20 4.78 -1.34 -23.43
C PHE B 20 4.59 -0.96 -24.90
N HIS B 21 5.45 -0.06 -25.39
CA HIS B 21 5.21 0.59 -26.69
C HIS B 21 6.04 0.00 -27.86
N ASN B 22 6.96 -0.90 -27.55
CA ASN B 22 7.72 -1.56 -28.59
C ASN B 22 6.83 -2.66 -29.19
N HIS B 23 6.93 -2.87 -30.49
CA HIS B 23 6.07 -3.84 -31.16
C HIS B 23 6.76 -5.19 -31.21
N LEU B 24 6.16 -6.21 -30.58
CA LEU B 24 6.73 -7.56 -30.53
C LEU B 24 5.70 -8.59 -30.99
N ASN B 25 6.16 -9.71 -31.54
CA ASN B 25 5.21 -10.80 -31.82
C ASN B 25 4.74 -11.43 -30.49
N PHE B 26 3.75 -12.31 -30.54
CA PHE B 26 3.16 -12.81 -29.34
C PHE B 26 4.22 -13.46 -28.41
N ASP B 27 5.02 -14.35 -28.98
CA ASP B 27 5.98 -15.06 -28.15
C ASP B 27 7.00 -14.11 -27.55
N ASN B 28 7.46 -13.14 -28.34
CA ASN B 28 8.43 -12.18 -27.80
C ASN B 28 7.84 -11.21 -26.77
N ALA B 29 6.57 -10.86 -26.93
CA ALA B 29 5.86 -10.00 -25.97
C ALA B 29 5.73 -10.76 -24.65
N GLU B 30 5.25 -12.02 -24.73
CA GLU B 30 5.19 -12.86 -23.53
C GLU B 30 6.58 -12.98 -22.89
N ASN B 31 7.64 -13.12 -23.71
CA ASN B 31 8.95 -13.27 -23.09
C ASN B 31 9.36 -11.97 -22.38
N ALA B 32 9.01 -10.82 -22.98
CA ALA B 32 9.32 -9.52 -22.38
C ALA B 32 8.64 -9.41 -21.00
N CYS B 33 7.42 -9.93 -20.90
CA CYS B 33 6.71 -9.86 -19.61
C CYS B 33 7.30 -10.80 -18.59
N ARG B 34 7.90 -11.91 -19.06
CA ARG B 34 8.49 -12.90 -18.17
C ARG B 34 9.79 -12.40 -17.58
N GLN B 35 10.29 -11.27 -18.07
CA GLN B 35 11.49 -10.66 -17.47
C GLN B 35 11.19 -10.12 -16.06
N PHE B 36 9.94 -9.83 -15.77
CA PHE B 36 9.57 -9.27 -14.49
C PHE B 36 9.06 -10.39 -13.61
N GLY B 37 9.40 -10.40 -12.33
CA GLY B 37 9.07 -11.59 -11.52
C GLY B 37 8.89 -11.23 -10.05
N LEU B 38 8.94 -12.25 -9.21
CA LEU B 38 8.80 -12.11 -7.77
C LEU B 38 9.84 -13.01 -7.14
N ALA B 39 10.52 -12.48 -6.11
CA ALA B 39 11.49 -13.30 -5.40
C ALA B 39 11.30 -13.10 -3.92
N SER B 40 11.80 -14.04 -3.11
CA SER B 40 11.85 -13.84 -1.67
C SER B 40 12.99 -12.88 -1.35
N CYS B 41 12.88 -12.18 -0.23
CA CYS B 41 13.94 -11.30 0.25
C CYS B 41 15.27 -12.04 0.42
N SER B 42 15.21 -13.31 0.82
CA SER B 42 16.34 -14.26 0.81
C SER B 42 17.02 -14.39 -0.54
N GLY B 43 16.26 -14.18 -1.61
CA GLY B 43 16.77 -14.29 -2.98
C GLY B 43 16.23 -15.47 -3.78
N ASP B 44 15.34 -16.26 -3.22
CA ASP B 44 14.77 -17.39 -3.95
C ASP B 44 13.72 -16.90 -4.98
N GLU B 45 13.82 -17.38 -6.21
CA GLU B 45 12.89 -16.99 -7.29
C GLU B 45 11.56 -17.68 -7.00
N LEU B 46 10.45 -16.93 -7.08
CA LEU B 46 9.16 -17.51 -6.72
C LEU B 46 8.17 -17.53 -7.85
N ALA B 47 8.21 -16.51 -8.70
CA ALA B 47 7.18 -16.40 -9.75
C ALA B 47 7.68 -15.59 -10.93
N THR B 48 6.99 -15.71 -12.06
CA THR B 48 7.39 -15.08 -13.30
C THR B 48 6.14 -14.32 -13.83
N GLY B 49 6.34 -13.09 -14.34
CA GLY B 49 5.28 -12.25 -14.96
C GLY B 49 4.88 -12.74 -16.34
N HIS B 50 3.77 -12.18 -16.85
CA HIS B 50 3.14 -12.63 -18.08
C HIS B 50 2.42 -11.50 -18.78
N LEU B 51 2.04 -11.76 -20.04
CA LEU B 51 1.06 -10.86 -20.64
C LEU B 51 -0.20 -10.87 -19.74
N ALA B 52 -0.94 -9.76 -19.73
CA ALA B 52 -2.09 -9.62 -18.85
C ALA B 52 -3.19 -10.62 -19.14
N SER B 53 -3.86 -11.11 -18.09
CA SER B 53 -5.12 -11.85 -18.23
C SER B 53 -6.26 -10.94 -17.74
N ILE B 54 -7.49 -11.33 -18.07
CA ILE B 54 -8.64 -10.43 -17.84
C ILE B 54 -9.79 -11.27 -17.32
N HIS B 55 -10.43 -10.85 -16.21
CA HIS B 55 -11.32 -11.78 -15.49
C HIS B 55 -12.67 -11.21 -15.14
N SER B 56 -12.94 -10.02 -15.66
CA SER B 56 -14.23 -9.36 -15.38
C SER B 56 -14.49 -8.22 -16.35
N ALA B 57 -15.73 -7.79 -16.42
CA ALA B 57 -16.02 -6.64 -17.29
C ALA B 57 -15.32 -5.37 -16.78
N GLU B 58 -15.21 -5.24 -15.46
CA GLU B 58 -14.50 -4.09 -14.85
C GLU B 58 -13.02 -4.09 -15.21
N SER B 59 -12.40 -5.27 -15.18
CA SER B 59 -10.96 -5.37 -15.56
C SER B 59 -10.79 -5.03 -17.05
N GLN B 60 -11.69 -5.54 -17.87
CA GLN B 60 -11.72 -5.19 -19.28
C GLN B 60 -11.82 -3.69 -19.51
N ALA B 61 -12.74 -3.06 -18.79
CA ALA B 61 -12.91 -1.62 -18.88
C ALA B 61 -11.65 -0.86 -18.46
N PHE B 62 -11.02 -1.34 -17.39
CA PHE B 62 -9.82 -0.67 -16.87
C PHE B 62 -8.69 -0.77 -17.93
N LEU B 63 -8.46 -1.98 -18.45
CA LEU B 63 -7.37 -2.15 -19.44
C LEU B 63 -7.64 -1.40 -20.74
N THR B 64 -8.90 -1.34 -21.14
CA THR B 64 -9.25 -0.57 -22.33
C THR B 64 -8.93 0.92 -22.09
N GLU B 65 -9.29 1.43 -20.92
CA GLU B 65 -9.07 2.82 -20.57
C GLU B 65 -7.55 3.09 -20.51
N LEU B 66 -6.79 2.13 -20.00
CA LEU B 66 -5.31 2.28 -19.96
C LEU B 66 -4.78 2.45 -21.39
N VAL B 67 -5.25 1.58 -22.30
CA VAL B 67 -4.79 1.69 -23.68
C VAL B 67 -5.22 2.99 -24.36
N LYS B 68 -6.50 3.31 -24.26
CA LYS B 68 -7.06 4.49 -24.95
C LYS B 68 -6.50 5.80 -24.43
N THR B 69 -6.31 5.89 -23.10
CA THR B 69 -5.76 7.15 -22.52
C THR B 69 -4.26 7.22 -22.78
N SER B 70 -3.61 6.08 -22.95
CA SER B 70 -2.17 6.07 -23.30
C SER B 70 -1.84 6.32 -24.76
N LEU B 71 -2.73 5.91 -25.68
CA LEU B 71 -2.49 5.96 -27.13
C LEU B 71 -3.55 6.79 -27.86
N PRO B 72 -3.90 7.98 -27.33
CA PRO B 72 -5.10 8.65 -27.89
C PRO B 72 -4.97 8.99 -29.38
N ASP B 73 -3.76 9.35 -29.83
CA ASP B 73 -3.48 9.70 -31.24
C ASP B 73 -3.47 8.49 -32.18
N LEU B 74 -3.49 7.27 -31.62
CA LEU B 74 -3.45 6.05 -32.43
C LEU B 74 -4.82 5.42 -32.62
N ILE B 75 -5.81 5.94 -31.91
CA ILE B 75 -7.14 5.29 -31.97
C ILE B 75 -7.67 5.52 -33.40
N THR B 76 -7.98 4.45 -34.11
CA THR B 76 -8.50 4.60 -35.48
C THR B 76 -9.98 4.30 -35.49
N GLY B 77 -10.62 4.47 -36.65
CA GLY B 77 -12.02 4.01 -36.77
C GLY B 77 -12.17 2.52 -37.03
N GLY B 78 -11.05 1.80 -37.11
CA GLY B 78 -11.07 0.34 -37.26
C GLY B 78 -10.75 -0.40 -35.95
N TRP B 79 -10.01 -1.50 -36.08
CA TRP B 79 -9.62 -2.27 -34.90
C TRP B 79 -8.41 -1.65 -34.19
N ALA B 80 -7.55 -1.01 -34.97
CA ALA B 80 -6.28 -0.47 -34.44
C ALA B 80 -6.46 0.66 -33.44
N PRO B 81 -5.64 0.71 -32.38
CA PRO B 81 -4.45 -0.12 -32.11
C PRO B 81 -4.82 -1.45 -31.41
N GLN B 82 -4.20 -2.53 -31.91
CA GLN B 82 -4.30 -3.82 -31.25
C GLN B 82 -3.12 -4.03 -30.32
N VAL B 83 -3.41 -4.55 -29.14
CA VAL B 83 -2.40 -4.64 -28.10
C VAL B 83 -2.50 -6.04 -27.49
N TYR B 84 -1.42 -6.81 -27.55
CA TYR B 84 -1.45 -8.14 -26.99
C TYR B 84 -1.81 -8.25 -25.53
N ILE B 85 -2.70 -9.22 -25.24
CA ILE B 85 -2.89 -9.74 -23.89
C ILE B 85 -2.55 -11.26 -23.93
N GLY B 86 -2.63 -11.95 -22.80
CA GLY B 86 -2.05 -13.29 -22.74
C GLY B 86 -2.97 -14.41 -23.22
N MET B 87 -3.87 -14.13 -24.16
CA MET B 87 -4.88 -15.10 -24.61
C MET B 87 -4.38 -15.96 -25.75
N LYS B 88 -4.46 -17.27 -25.54
CA LYS B 88 -4.12 -18.29 -26.52
C LYS B 88 -5.35 -19.03 -26.93
N VAL B 89 -5.66 -19.01 -28.22
CA VAL B 89 -6.74 -19.86 -28.78
C VAL B 89 -6.04 -21.09 -29.37
N GLY B 90 -6.42 -22.29 -28.94
CA GLY B 90 -5.68 -23.51 -29.30
C GLY B 90 -6.27 -24.20 -30.53
N SER B 91 -6.37 -25.53 -30.48
CA SER B 91 -6.77 -26.34 -31.61
C SER B 91 -8.17 -26.05 -32.15
N THR B 92 -9.06 -25.69 -31.23
CA THR B 92 -10.42 -25.25 -31.53
C THR B 92 -10.70 -23.94 -30.76
N ASN B 93 -11.79 -23.27 -31.14
CA ASN B 93 -12.14 -21.99 -30.51
C ASN B 93 -12.47 -22.09 -29.04
N SER B 94 -12.94 -23.26 -28.60
CA SER B 94 -13.21 -23.47 -27.19
C SER B 94 -11.93 -23.65 -26.35
N ASP B 95 -10.79 -23.93 -27.00
CA ASP B 95 -9.55 -24.18 -26.31
C ASP B 95 -8.82 -22.87 -26.00
N GLN B 96 -9.38 -22.11 -25.07
CA GLN B 96 -8.79 -20.81 -24.68
C GLN B 96 -8.04 -20.93 -23.39
N THR B 97 -6.86 -20.33 -23.32
CA THR B 97 -6.08 -20.38 -22.10
C THR B 97 -5.34 -19.04 -21.96
N TRP B 98 -5.01 -18.67 -20.73
CA TRP B 98 -4.15 -17.48 -20.48
C TRP B 98 -2.71 -17.95 -20.24
N THR B 99 -1.71 -17.17 -20.68
CA THR B 99 -0.33 -17.58 -20.39
C THR B 99 0.00 -17.65 -18.89
N ASP B 100 -0.72 -16.92 -18.04
CA ASP B 100 -0.45 -16.98 -16.60
C ASP B 100 -1.17 -18.15 -15.91
N GLY B 101 -1.92 -18.91 -16.69
CA GLY B 101 -2.54 -20.15 -16.19
C GLY B 101 -3.82 -19.93 -15.40
N SER B 102 -4.31 -18.69 -15.41
CA SER B 102 -5.53 -18.35 -14.71
C SER B 102 -6.74 -18.84 -15.49
N SER B 103 -7.91 -18.83 -14.84
CA SER B 103 -9.11 -19.33 -15.50
C SER B 103 -9.61 -18.37 -16.59
N VAL B 104 -10.18 -18.96 -17.64
CA VAL B 104 -10.87 -18.16 -18.65
C VAL B 104 -12.31 -18.07 -18.18
N ASP B 105 -12.53 -17.12 -17.26
CA ASP B 105 -13.82 -16.93 -16.60
C ASP B 105 -14.54 -15.69 -17.09
N TYR B 106 -13.91 -15.01 -18.05
CA TYR B 106 -14.49 -13.81 -18.65
C TYR B 106 -14.29 -13.83 -20.17
N ASP B 107 -15.32 -13.42 -20.89
CA ASP B 107 -15.36 -13.46 -22.35
C ASP B 107 -15.43 -12.02 -22.88
N GLY B 108 -14.30 -11.50 -23.35
CA GLY B 108 -14.23 -10.15 -23.91
C GLY B 108 -14.15 -10.03 -25.42
N TRP B 109 -14.41 -11.13 -26.13
CA TRP B 109 -14.29 -11.17 -27.59
C TRP B 109 -15.28 -10.28 -28.31
N VAL B 110 -14.82 -9.54 -29.32
CA VAL B 110 -15.73 -8.88 -30.28
C VAL B 110 -16.57 -9.99 -30.94
N SER B 111 -17.84 -9.68 -31.16
CA SER B 111 -18.71 -10.58 -31.92
C SER B 111 -18.05 -11.15 -33.18
N GLY B 112 -18.03 -12.49 -33.29
CA GLY B 112 -17.42 -13.16 -34.42
C GLY B 112 -15.99 -13.65 -34.16
N GLU B 113 -15.39 -13.15 -33.07
CA GLU B 113 -14.06 -13.63 -32.68
C GLU B 113 -14.17 -14.67 -31.58
N PRO B 114 -13.20 -15.62 -31.48
CA PRO B 114 -12.08 -15.82 -32.42
C PRO B 114 -12.47 -16.51 -33.72
N ASN B 115 -11.73 -16.21 -34.78
CA ASN B 115 -12.06 -16.66 -36.13
C ASN B 115 -10.84 -16.98 -36.98
N ASN B 116 -9.64 -16.87 -36.39
CA ASN B 116 -8.42 -17.11 -37.13
C ASN B 116 -7.53 -18.20 -36.54
N GLY B 117 -8.16 -19.13 -35.79
CA GLY B 117 -7.40 -20.24 -35.21
C GLY B 117 -7.20 -21.35 -36.25
N PRO B 118 -6.50 -22.42 -35.87
CA PRO B 118 -6.01 -22.69 -34.55
C PRO B 118 -4.74 -21.88 -34.20
N ASN B 119 -4.49 -21.80 -32.90
CA ASN B 119 -3.24 -21.24 -32.33
C ASN B 119 -3.09 -19.77 -32.63
N SER B 120 -4.24 -19.10 -32.70
CA SER B 120 -4.24 -17.61 -32.81
C SER B 120 -4.08 -17.02 -31.41
N ARG B 121 -3.92 -15.69 -31.35
CA ARG B 121 -3.61 -15.00 -30.10
C ARG B 121 -4.54 -13.79 -29.89
N GLY B 122 -4.89 -13.52 -28.64
CA GLY B 122 -5.87 -12.44 -28.35
C GLY B 122 -5.20 -11.06 -28.20
N ALA B 123 -5.90 -10.01 -28.63
CA ALA B 123 -5.39 -8.63 -28.44
C ALA B 123 -6.57 -7.72 -28.13
N ILE B 124 -6.36 -6.79 -27.19
CA ILE B 124 -7.33 -5.68 -27.02
C ILE B 124 -7.33 -4.86 -28.28
N ALA B 125 -8.47 -4.70 -28.96
CA ALA B 125 -8.47 -3.92 -30.20
C ALA B 125 -9.16 -2.60 -29.86
N ALA B 126 -8.36 -1.57 -29.62
CA ALA B 126 -8.90 -0.36 -28.99
C ALA B 126 -9.44 0.68 -29.96
N GLY B 127 -9.42 0.35 -31.25
CA GLY B 127 -9.97 1.24 -32.26
C GLY B 127 -11.47 1.29 -32.09
N ASP B 128 -12.08 2.27 -32.75
CA ASP B 128 -13.50 2.52 -32.51
C ASP B 128 -14.37 1.43 -33.04
N TYR B 129 -13.87 0.61 -33.97
CA TYR B 129 -14.69 -0.48 -34.46
C TYR B 129 -15.02 -1.48 -33.34
N SER B 130 -14.08 -1.69 -32.44
CA SER B 130 -14.12 -2.79 -31.51
C SER B 130 -14.18 -2.33 -30.04
N ARG B 131 -13.79 -1.08 -29.77
CA ARG B 131 -13.99 -0.46 -28.46
C ARG B 131 -13.30 -1.18 -27.33
N GLY B 132 -12.15 -1.78 -27.65
CA GLY B 132 -11.33 -2.43 -26.64
C GLY B 132 -11.54 -3.92 -26.57
N PHE B 133 -12.71 -4.41 -27.04
CA PHE B 133 -12.96 -5.85 -27.01
C PHE B 133 -11.98 -6.60 -27.95
N TRP B 134 -11.92 -7.92 -27.79
CA TRP B 134 -10.77 -8.68 -28.29
C TRP B 134 -10.90 -9.18 -29.71
N ALA B 135 -9.79 -9.12 -30.45
CA ALA B 135 -9.63 -9.78 -31.73
C ALA B 135 -8.68 -10.92 -31.53
N ASP B 136 -8.86 -12.01 -32.29
CA ASP B 136 -7.75 -12.98 -32.39
C ASP B 136 -6.95 -12.69 -33.66
N VAL B 137 -5.66 -12.95 -33.58
CA VAL B 137 -4.74 -12.59 -34.66
C VAL B 137 -3.66 -13.68 -34.82
N TYR B 138 -3.00 -13.62 -35.96
CA TYR B 138 -1.86 -14.51 -36.25
C TYR B 138 -0.74 -14.14 -35.30
N SER B 139 -0.10 -15.14 -34.68
CA SER B 139 0.83 -14.87 -33.60
C SER B 139 2.13 -14.13 -34.04
N ASN B 140 2.40 -14.08 -35.33
CA ASN B 140 3.61 -13.40 -35.84
C ASN B 140 3.44 -11.89 -36.01
N ASN B 141 2.21 -11.39 -35.85
CA ASN B 141 2.02 -9.95 -35.92
C ASN B 141 2.72 -9.22 -34.76
N ASN B 142 3.31 -8.07 -35.07
CA ASN B 142 4.06 -7.33 -34.03
C ASN B 142 3.22 -6.18 -33.47
N PHE B 143 2.85 -6.26 -32.19
CA PHE B 143 1.98 -5.28 -31.56
C PHE B 143 2.59 -4.77 -30.26
N LYS B 144 2.08 -3.63 -29.78
CA LYS B 144 2.30 -3.24 -28.37
C LYS B 144 1.63 -4.29 -27.51
N TYR B 145 1.96 -4.27 -26.22
CA TYR B 145 1.49 -5.34 -25.32
C TYR B 145 1.37 -4.85 -23.88
N ILE B 146 0.52 -5.51 -23.09
CA ILE B 146 0.36 -5.18 -21.68
C ILE B 146 0.88 -6.33 -20.82
N CYS B 147 1.85 -6.02 -19.96
CA CYS B 147 2.35 -6.98 -18.98
C CYS B 147 1.64 -6.85 -17.65
N GLN B 148 1.69 -7.93 -16.88
CA GLN B 148 1.17 -7.97 -15.55
C GLN B 148 2.20 -8.63 -14.66
N LEU B 149 2.51 -8.00 -13.54
CA LEU B 149 3.37 -8.68 -12.53
C LEU B 149 2.68 -9.89 -11.89
N PRO B 150 3.49 -10.78 -11.28
CA PRO B 150 2.89 -11.99 -10.68
C PRO B 150 1.85 -11.58 -9.65
N CYS B 151 0.68 -12.21 -9.77
CA CYS B 151 -0.43 -11.94 -8.88
C CYS B 151 -0.29 -12.89 -7.69
N VAL B 152 -0.11 -12.32 -6.50
CA VAL B 152 0.02 -13.11 -5.27
C VAL B 152 -0.78 -12.52 -4.14
N HIS B 153 -1.09 -13.36 -3.16
CA HIS B 153 -1.83 -12.89 -2.00
C HIS B 153 -1.41 -13.73 -0.78
N TYR B 154 -1.58 -13.15 0.39
CA TYR B 154 -1.29 -13.87 1.63
C TYR B 154 -2.40 -14.85 1.94
N THR B 155 -2.05 -15.97 2.57
CA THR B 155 -3.05 -16.98 2.94
C THR B 155 -2.98 -17.10 4.46
N LEU B 156 -4.09 -16.78 5.12
CA LEU B 156 -4.10 -16.54 6.57
C LEU B 156 -4.96 -17.55 7.30
N GLU B 157 -4.97 -18.75 6.75
CA GLU B 157 -5.80 -19.85 7.26
C GLU B 157 -5.23 -20.44 8.55
N CYS C 1 -6.59 -5.92 -2.83
CA CYS C 1 -5.50 -5.18 -2.09
C CYS C 1 -5.57 -5.26 -0.55
N LEU C 2 -4.69 -4.49 0.10
CA LEU C 2 -4.51 -4.44 1.54
C LEU C 2 -4.39 -2.97 1.96
N THR C 3 -4.53 -2.71 3.25
CA THR C 3 -4.43 -1.34 3.77
C THR C 3 -3.00 -1.03 4.24
N SER C 4 -2.44 0.10 3.81
CA SER C 4 -1.10 0.53 4.21
C SER C 4 -1.15 1.38 5.49
N CYS C 5 -0.43 0.95 6.52
CA CYS C 5 -0.44 1.66 7.81
C CYS C 5 0.98 1.79 8.31
N PRO C 6 1.23 2.77 9.18
CA PRO C 6 2.56 2.90 9.79
C PRO C 6 2.91 1.78 10.77
N PRO C 7 4.21 1.63 11.09
CA PRO C 7 4.59 0.56 12.03
C PRO C 7 3.84 0.71 13.37
N LEU C 8 3.36 -0.45 13.86
CA LEU C 8 2.64 -0.62 15.13
C LEU C 8 1.14 -0.42 14.94
N TRP C 9 0.75 0.13 13.78
CA TRP C 9 -0.70 0.26 13.45
C TRP C 9 -1.14 -0.90 12.59
N THR C 10 -2.44 -1.13 12.52
CA THR C 10 -2.93 -2.25 11.74
C THR C 10 -4.18 -1.81 10.98
N GLY C 11 -4.34 -2.32 9.76
CA GLY C 11 -5.34 -1.79 8.81
C GLY C 11 -6.55 -2.70 8.59
N PHE C 12 -7.70 -2.08 8.39
CA PHE C 12 -8.87 -2.81 7.91
C PHE C 12 -9.69 -1.84 7.08
N ASN C 13 -10.07 -2.27 5.86
CA ASN C 13 -10.97 -1.47 5.02
C ASN C 13 -10.50 -0.01 4.82
N GLY C 14 -9.21 0.19 4.63
CA GLY C 14 -8.66 1.51 4.35
C GLY C 14 -8.42 2.40 5.55
N LYS C 15 -8.57 1.86 6.76
CA LYS C 15 -8.37 2.65 7.99
C LYS C 15 -7.31 1.99 8.84
N CYS C 16 -6.57 2.78 9.62
CA CYS C 16 -5.47 2.28 10.47
C CYS C 16 -5.80 2.44 11.94
N PHE C 17 -5.60 1.37 12.71
CA PHE C 17 -6.02 1.33 14.10
C PHE C 17 -4.91 0.87 15.02
N ARG C 18 -4.99 1.27 16.28
CA ARG C 18 -4.05 0.80 17.29
C ARG C 18 -4.76 0.81 18.65
N LEU C 19 -4.54 -0.26 19.42
CA LEU C 19 -5.07 -0.40 20.78
C LEU C 19 -3.99 0.07 21.74
N PHE C 20 -4.37 1.00 22.60
CA PHE C 20 -3.46 1.54 23.60
C PHE C 20 -3.83 1.01 24.97
N HIS C 21 -2.80 0.70 25.75
CA HIS C 21 -2.98 0.02 27.02
C HIS C 21 -3.04 0.92 28.26
N ASN C 22 -2.65 2.20 28.14
CA ASN C 22 -2.84 3.10 29.29
C ASN C 22 -4.34 3.37 29.51
N HIS C 23 -4.73 3.50 30.77
CA HIS C 23 -6.14 3.71 31.08
C HIS C 23 -6.41 5.19 31.21
N LEU C 24 -7.26 5.69 30.33
CA LEU C 24 -7.61 7.11 30.33
C LEU C 24 -9.09 7.29 30.34
N ASN C 25 -9.55 8.44 30.83
CA ASN C 25 -10.98 8.69 30.69
C ASN C 25 -11.31 9.09 29.25
N PHE C 26 -12.60 9.26 28.93
CA PHE C 26 -12.96 9.41 27.53
C PHE C 26 -12.27 10.61 26.87
N ASP C 27 -12.39 11.77 27.48
CA ASP C 27 -11.81 12.97 26.88
C ASP C 27 -10.31 12.86 26.73
N ASN C 28 -9.63 12.29 27.74
CA ASN C 28 -8.17 12.14 27.66
C ASN C 28 -7.74 11.10 26.60
N ALA C 29 -8.55 10.03 26.43
CA ALA C 29 -8.29 9.01 25.42
C ALA C 29 -8.45 9.66 24.04
N GLU C 30 -9.52 10.42 23.83
CA GLU C 30 -9.63 11.19 22.59
C GLU C 30 -8.43 12.12 22.37
N ASN C 31 -8.02 12.83 23.42
CA ASN C 31 -6.82 13.71 23.30
C ASN C 31 -5.55 12.93 22.92
N ALA C 32 -5.40 11.73 23.47
CA ALA C 32 -4.24 10.86 23.14
C ALA C 32 -4.28 10.46 21.66
N CYS C 33 -5.48 10.15 21.14
CA CYS C 33 -5.56 9.81 19.72
C CYS C 33 -5.25 11.02 18.81
N ARG C 34 -5.58 12.21 19.27
CA ARG C 34 -5.34 13.43 18.51
C ARG C 34 -3.85 13.77 18.42
N GLN C 35 -3.02 13.08 19.18
CA GLN C 35 -1.56 13.29 19.04
C GLN C 35 -1.03 12.77 17.71
N PHE C 36 -1.78 11.87 17.08
CA PHE C 36 -1.41 11.38 15.75
C PHE C 36 -2.15 12.27 14.75
N GLY C 37 -1.48 12.52 13.64
CA GLY C 37 -2.08 13.35 12.61
C GLY C 37 -1.77 12.98 11.17
N LEU C 38 -2.22 13.86 10.27
CA LEU C 38 -1.95 13.78 8.85
C LEU C 38 -1.52 15.14 8.41
N ALA C 39 -0.38 15.21 7.72
CA ALA C 39 0.13 16.48 7.23
C ALA C 39 0.43 16.43 5.73
N SER C 40 0.34 17.56 5.04
CA SER C 40 0.83 17.59 3.67
C SER C 40 2.33 17.54 3.68
N CYS C 41 2.91 17.09 2.57
CA CYS C 41 4.35 17.06 2.41
C CYS C 41 4.92 18.49 2.46
N SER C 42 4.09 19.47 2.11
CA SER C 42 4.31 20.92 2.31
C SER C 42 4.65 21.30 3.73
N GLY C 43 4.05 20.57 4.68
CA GLY C 43 4.19 20.84 6.11
C GLY C 43 2.91 21.39 6.76
N ASP C 44 1.79 21.37 6.06
CA ASP C 44 0.54 21.89 6.63
C ASP C 44 -0.19 20.74 7.32
N GLU C 45 -0.52 20.89 8.60
CA GLU C 45 -1.35 19.85 9.24
C GLU C 45 -2.74 19.86 8.64
N LEU C 46 -3.26 18.68 8.33
CA LEU C 46 -4.52 18.57 7.60
C LEU C 46 -5.61 17.94 8.44
N ALA C 47 -5.25 16.96 9.26
CA ALA C 47 -6.26 16.24 10.03
C ALA C 47 -5.61 15.62 11.24
N THR C 48 -6.45 15.16 12.15
CA THR C 48 -6.02 14.70 13.44
C THR C 48 -6.61 13.33 13.67
N GLY C 49 -5.92 12.45 14.40
CA GLY C 49 -6.44 11.12 14.75
C GLY C 49 -7.55 11.23 15.80
N HIS C 50 -8.26 10.13 16.03
CA HIS C 50 -9.43 10.15 16.92
C HIS C 50 -9.61 8.76 17.50
N LEU C 51 -10.39 8.67 18.56
CA LEU C 51 -10.93 7.37 18.96
C LEU C 51 -11.65 6.76 17.76
N ALA C 52 -11.59 5.43 17.62
CA ALA C 52 -12.12 4.76 16.43
C ALA C 52 -13.61 4.91 16.28
N SER C 53 -14.07 5.14 15.05
CA SER C 53 -15.52 5.01 14.74
C SER C 53 -15.73 3.73 13.98
N ILE C 54 -16.98 3.27 13.91
CA ILE C 54 -17.26 1.91 13.43
C ILE C 54 -18.49 1.99 12.55
N HIS C 55 -18.39 1.42 11.34
CA HIS C 55 -19.42 1.69 10.30
C HIS C 55 -20.04 0.48 9.62
N SER C 56 -19.69 -0.71 10.09
CA SER C 56 -20.19 -1.96 9.51
C SER C 56 -20.03 -3.11 10.47
N ALA C 57 -20.77 -4.18 10.19
CA ALA C 57 -20.59 -5.39 11.00
C ALA C 57 -19.18 -5.99 10.84
N GLU C 58 -18.56 -5.78 9.67
CA GLU C 58 -17.22 -6.28 9.38
C GLU C 58 -16.18 -5.49 10.16
N SER C 59 -16.36 -4.17 10.18
CA SER C 59 -15.47 -3.31 10.99
C SER C 59 -15.62 -3.66 12.47
N GLN C 60 -16.85 -3.88 12.94
CA GLN C 60 -17.11 -4.24 14.32
C GLN C 60 -16.41 -5.56 14.68
N ALA C 61 -16.50 -6.55 13.79
CA ALA C 61 -15.89 -7.84 14.02
C ALA C 61 -14.38 -7.75 14.02
N PHE C 62 -13.82 -6.90 13.15
CA PHE C 62 -12.38 -6.69 13.12
C PHE C 62 -11.88 -6.12 14.46
N LEU C 63 -12.54 -5.05 14.94
CA LEU C 63 -12.06 -4.44 16.19
C LEU C 63 -12.26 -5.36 17.38
N THR C 64 -13.35 -6.12 17.39
CA THR C 64 -13.55 -7.11 18.42
C THR C 64 -12.39 -8.10 18.43
N GLU C 65 -11.99 -8.54 17.24
CA GLU C 65 -10.85 -9.45 17.14
C GLU C 65 -9.53 -8.81 17.59
N LEU C 66 -9.31 -7.54 17.22
CA LEU C 66 -8.13 -6.81 17.68
C LEU C 66 -8.07 -6.81 19.22
N VAL C 67 -9.19 -6.46 19.84
CA VAL C 67 -9.25 -6.44 21.30
C VAL C 67 -9.01 -7.83 21.92
N LYS C 68 -9.77 -8.84 21.49
CA LYS C 68 -9.70 -10.17 22.11
C LYS C 68 -8.35 -10.84 21.88
N THR C 69 -7.74 -10.64 20.70
CA THR C 69 -6.40 -11.21 20.43
C THR C 69 -5.27 -10.46 21.13
N SER C 70 -5.53 -9.20 21.47
CA SER C 70 -4.51 -8.36 22.16
C SER C 70 -4.60 -8.48 23.68
N LEU C 71 -5.80 -8.82 24.18
CA LEU C 71 -6.04 -8.86 25.62
C LEU C 71 -6.63 -10.20 26.04
N PRO C 72 -6.04 -11.33 25.57
CA PRO C 72 -6.74 -12.61 25.79
C PRO C 72 -6.87 -12.99 27.26
N ASP C 73 -5.92 -12.57 28.09
CA ASP C 73 -5.98 -12.92 29.51
C ASP C 73 -6.96 -12.09 30.31
N LEU C 74 -7.51 -11.04 29.68
CA LEU C 74 -8.45 -10.16 30.37
C LEU C 74 -9.89 -10.47 30.05
N ILE C 75 -10.13 -11.38 29.11
CA ILE C 75 -11.51 -11.67 28.65
C ILE C 75 -12.26 -12.32 29.82
N THR C 76 -13.34 -11.68 30.25
CA THR C 76 -14.19 -12.26 31.33
C THR C 76 -15.47 -12.88 30.79
N GLY C 77 -16.28 -13.44 31.69
CA GLY C 77 -17.60 -13.97 31.31
C GLY C 77 -18.65 -12.88 31.29
N GLY C 78 -18.26 -11.66 31.66
CA GLY C 78 -19.19 -10.52 31.69
C GLY C 78 -18.92 -9.53 30.53
N TRP C 79 -18.79 -8.25 30.87
CA TRP C 79 -18.58 -7.20 29.88
C TRP C 79 -17.09 -6.98 29.67
N ALA C 80 -16.27 -7.13 30.73
CA ALA C 80 -14.87 -6.73 30.67
C ALA C 80 -14.04 -7.67 29.76
N PRO C 81 -13.01 -7.14 29.06
CA PRO C 81 -12.52 -5.76 29.15
C PRO C 81 -13.32 -4.77 28.27
N GLN C 82 -13.52 -3.56 28.80
CA GLN C 82 -14.19 -2.51 28.02
C GLN C 82 -13.12 -1.59 27.48
N VAL C 83 -13.26 -1.23 26.22
CA VAL C 83 -12.23 -0.47 25.52
C VAL C 83 -12.91 0.68 24.82
N TYR C 84 -12.49 1.93 25.10
CA TYR C 84 -13.20 3.08 24.48
C TYR C 84 -13.08 3.13 22.98
N ILE C 85 -14.19 3.51 22.38
CA ILE C 85 -14.26 3.94 20.98
C ILE C 85 -14.83 5.37 20.97
N GLY C 86 -14.96 5.98 19.79
CA GLY C 86 -15.28 7.41 19.75
C GLY C 86 -16.74 7.81 19.86
N MET C 87 -17.54 6.99 20.56
CA MET C 87 -19.00 7.20 20.59
C MET C 87 -19.43 8.04 21.79
N LYS C 88 -20.16 9.11 21.47
CA LYS C 88 -20.76 10.03 22.45
C LYS C 88 -22.28 9.93 22.41
N VAL C 89 -22.87 9.54 23.52
CA VAL C 89 -24.35 9.52 23.66
C VAL C 89 -24.71 10.78 24.44
N GLY C 90 -25.52 11.65 23.83
CA GLY C 90 -25.83 12.93 24.46
C GLY C 90 -27.05 12.92 25.32
N SER C 91 -27.89 13.95 25.13
CA SER C 91 -28.99 14.25 26.03
C SER C 91 -30.10 13.19 26.03
N THR C 92 -30.31 12.55 24.88
CA THR C 92 -31.21 11.44 24.74
C THR C 92 -30.44 10.33 24.01
N ASN C 93 -30.97 9.15 24.03
CA ASN C 93 -30.26 8.03 23.39
C ASN C 93 -30.14 8.08 21.89
N SER C 94 -30.98 8.89 21.21
CA SER C 94 -30.85 9.04 19.76
C SER C 94 -29.75 10.04 19.37
N ASP C 95 -29.21 10.76 20.34
CA ASP C 95 -28.17 11.74 20.11
C ASP C 95 -26.84 11.05 20.16
N GLN C 96 -26.47 10.38 19.08
CA GLN C 96 -25.21 9.63 19.01
C GLN C 96 -24.31 10.28 17.98
N THR C 97 -23.06 10.55 18.40
CA THR C 97 -22.07 11.14 17.50
C THR C 97 -20.71 10.46 17.69
N TRP C 98 -19.91 10.47 16.64
CA TRP C 98 -18.53 9.95 16.69
C TRP C 98 -17.63 11.16 16.80
N THR C 99 -16.53 11.02 17.55
CA THR C 99 -15.60 12.16 17.62
C THR C 99 -14.93 12.53 16.31
N ASP C 100 -14.92 11.61 15.34
CA ASP C 100 -14.35 11.91 14.01
C ASP C 100 -15.33 12.59 13.06
N GLY C 101 -16.55 12.82 13.51
CA GLY C 101 -17.53 13.56 12.72
C GLY C 101 -18.24 12.71 11.70
N SER C 102 -17.96 11.40 11.72
CA SER C 102 -18.56 10.46 10.75
C SER C 102 -19.99 10.10 11.12
N SER C 103 -20.74 9.54 10.17
CA SER C 103 -22.13 9.22 10.47
C SER C 103 -22.28 8.02 11.37
N VAL C 104 -23.31 8.06 12.18
CA VAL C 104 -23.68 6.89 12.96
C VAL C 104 -24.64 6.03 12.09
N ASP C 105 -24.03 5.23 11.24
CA ASP C 105 -24.73 4.42 10.22
C ASP C 105 -24.67 2.93 10.55
N TYR C 106 -24.00 2.62 11.66
CA TYR C 106 -23.95 1.28 12.14
C TYR C 106 -24.28 1.26 13.64
N ASP C 107 -25.18 0.36 14.00
CA ASP C 107 -25.60 0.17 15.38
C ASP C 107 -24.99 -1.12 15.95
N GLY C 108 -23.98 -0.94 16.81
CA GLY C 108 -23.28 -2.05 17.43
C GLY C 108 -23.56 -2.24 18.92
N TRP C 109 -24.62 -1.60 19.41
CA TRP C 109 -24.95 -1.67 20.85
C TRP C 109 -25.46 -3.03 21.32
N VAL C 110 -24.99 -3.47 22.47
CA VAL C 110 -25.65 -4.58 23.16
C VAL C 110 -27.09 -4.22 23.42
N SER C 111 -27.98 -5.20 23.27
CA SER C 111 -29.37 -4.95 23.59
C SER C 111 -29.54 -4.31 24.97
N GLY C 112 -30.34 -3.24 25.02
CA GLY C 112 -30.50 -2.50 26.27
C GLY C 112 -29.55 -1.32 26.44
N GLU C 113 -28.48 -1.25 25.63
CA GLU C 113 -27.58 -0.07 25.62
C GLU C 113 -27.99 0.86 24.47
N PRO C 114 -27.81 2.16 24.63
CA PRO C 114 -27.31 2.87 25.81
C PRO C 114 -28.34 2.96 26.91
N ASN C 115 -27.88 2.94 28.16
CA ASN C 115 -28.78 3.05 29.30
C ASN C 115 -28.20 3.91 30.43
N ASN C 116 -27.08 4.60 30.20
CA ASN C 116 -26.42 5.35 31.26
C ASN C 116 -26.20 6.83 30.93
N GLY C 117 -26.95 7.30 29.94
CA GLY C 117 -26.94 8.73 29.62
C GLY C 117 -27.57 9.58 30.75
N PRO C 118 -27.46 10.90 30.62
CA PRO C 118 -26.99 11.61 29.44
C PRO C 118 -25.47 11.73 29.44
N ASN C 119 -24.95 11.98 28.25
CA ASN C 119 -23.52 12.16 28.03
C ASN C 119 -22.67 10.99 28.52
N SER C 120 -23.15 9.78 28.22
CA SER C 120 -22.36 8.58 28.45
C SER C 120 -21.51 8.31 27.19
N ARG C 121 -20.64 7.33 27.29
CA ARG C 121 -19.66 7.06 26.22
C ARG C 121 -19.60 5.60 25.82
N GLY C 122 -19.33 5.35 24.55
CA GLY C 122 -19.33 3.97 24.01
C GLY C 122 -18.01 3.22 24.22
N ALA C 123 -18.12 1.94 24.55
CA ALA C 123 -16.93 1.07 24.66
C ALA C 123 -17.22 -0.27 24.06
N ILE C 124 -16.25 -0.81 23.34
CA ILE C 124 -16.30 -2.23 22.97
C ILE C 124 -16.19 -3.02 24.28
N ALA C 125 -17.16 -3.92 24.53
CA ALA C 125 -17.14 -4.71 25.78
C ALA C 125 -16.86 -6.14 25.34
N ALA C 126 -15.61 -6.55 25.49
CA ALA C 126 -15.13 -7.78 24.82
C ALA C 126 -15.29 -9.09 25.59
N GLY C 127 -15.87 -8.94 26.78
CA GLY C 127 -16.23 -10.10 27.61
C GLY C 127 -17.30 -10.94 26.93
N ASP C 128 -17.45 -12.16 27.45
CA ASP C 128 -18.35 -13.14 26.82
C ASP C 128 -19.83 -12.82 26.87
N TYR C 129 -20.25 -11.97 27.81
CA TYR C 129 -21.67 -11.57 27.87
C TYR C 129 -22.02 -10.71 26.66
N SER C 130 -21.12 -9.79 26.34
CA SER C 130 -21.38 -8.76 25.31
C SER C 130 -20.74 -9.01 23.95
N ARG C 131 -19.68 -9.85 23.94
CA ARG C 131 -19.04 -10.39 22.74
C ARG C 131 -18.52 -9.29 21.83
N GLY C 132 -18.06 -8.20 22.45
CA GLY C 132 -17.50 -7.09 21.67
C GLY C 132 -18.42 -5.94 21.35
N PHE C 133 -19.73 -6.20 21.41
CA PHE C 133 -20.71 -5.20 21.10
C PHE C 133 -20.67 -4.14 22.23
N TRP C 134 -21.35 -3.03 21.99
CA TRP C 134 -21.03 -1.84 22.77
C TRP C 134 -21.82 -1.69 24.06
N ALA C 135 -21.12 -1.27 25.12
CA ALA C 135 -21.76 -0.75 26.31
C ALA C 135 -21.58 0.75 26.37
N ASP C 136 -22.58 1.48 26.88
CA ASP C 136 -22.27 2.87 27.30
C ASP C 136 -21.88 2.91 28.75
N VAL C 137 -20.94 3.82 29.00
CA VAL C 137 -20.36 3.94 30.33
C VAL C 137 -20.21 5.40 30.73
N TYR C 138 -20.01 5.61 32.03
CA TYR C 138 -19.73 6.98 32.49
C TYR C 138 -18.37 7.43 31.99
N SER C 139 -18.30 8.70 31.63
CA SER C 139 -17.14 9.18 30.88
C SER C 139 -15.92 9.32 31.76
N ASN C 140 -16.11 9.29 33.08
CA ASN C 140 -14.96 9.38 34.02
C ASN C 140 -14.24 8.05 34.18
N ASN C 141 -14.80 6.98 33.61
CA ASN C 141 -14.13 5.65 33.69
C ASN C 141 -12.82 5.68 32.93
N ASN C 142 -11.79 5.09 33.52
CA ASN C 142 -10.51 5.02 32.84
C ASN C 142 -10.33 3.66 32.19
N PHE C 143 -10.33 3.61 30.85
CA PHE C 143 -10.20 2.35 30.12
C PHE C 143 -9.07 2.43 29.09
N LYS C 144 -8.66 1.27 28.60
CA LYS C 144 -7.87 1.19 27.39
C LYS C 144 -8.74 1.71 26.23
N TYR C 145 -8.13 1.97 25.10
CA TYR C 145 -8.85 2.67 24.02
C TYR C 145 -8.25 2.36 22.67
N ILE C 146 -9.06 2.49 21.62
CA ILE C 146 -8.60 2.27 20.26
C ILE C 146 -8.59 3.57 19.49
N CYS C 147 -7.42 3.93 18.98
CA CYS C 147 -7.33 5.10 18.08
C CYS C 147 -7.40 4.67 16.63
N GLN C 148 -7.88 5.60 15.79
CA GLN C 148 -7.69 5.47 14.34
C GLN C 148 -6.90 6.68 13.84
N LEU C 149 -6.05 6.45 12.85
CA LEU C 149 -5.38 7.53 12.17
C LEU C 149 -6.41 8.28 11.30
N PRO C 150 -6.09 9.52 10.88
CA PRO C 150 -7.07 10.24 10.03
C PRO C 150 -7.47 9.40 8.83
N CYS C 151 -8.79 9.27 8.64
CA CYS C 151 -9.36 8.44 7.59
C CYS C 151 -9.56 9.33 6.38
N VAL C 152 -8.85 9.04 5.30
CA VAL C 152 -8.95 9.90 4.10
C VAL C 152 -8.98 9.04 2.86
N HIS C 153 -9.47 9.62 1.78
CA HIS C 153 -9.50 8.89 0.53
C HIS C 153 -9.41 9.93 -0.58
N TYR C 154 -8.93 9.47 -1.73
CA TYR C 154 -8.93 10.33 -2.93
C TYR C 154 -10.29 10.46 -3.57
N THR C 155 -10.55 11.65 -4.11
CA THR C 155 -11.78 11.91 -4.84
C THR C 155 -11.39 12.18 -6.29
N LEU C 156 -11.75 11.26 -7.17
CA LEU C 156 -11.15 11.25 -8.51
C LEU C 156 -12.14 11.67 -9.60
N GLU C 157 -12.71 12.86 -9.41
CA GLU C 157 -13.32 13.62 -10.50
C GLU C 157 -12.19 14.37 -11.20
N CYS D 1 4.96 5.96 0.75
CA CYS D 1 4.66 4.51 0.98
C CYS D 1 5.00 3.98 2.36
N LEU D 2 3.99 3.33 2.95
CA LEU D 2 4.12 2.54 4.16
C LEU D 2 4.16 1.09 3.70
N THR D 3 4.27 0.17 4.65
CA THR D 3 4.14 -1.26 4.34
C THR D 3 2.67 -1.69 4.38
N SER D 4 2.26 -2.48 3.39
CA SER D 4 0.91 -3.04 3.31
C SER D 4 0.82 -4.45 3.91
N CYS D 5 -0.03 -4.61 4.92
CA CYS D 5 -0.16 -5.89 5.63
C CYS D 5 -1.61 -6.22 5.82
N PRO D 6 -1.90 -7.50 6.04
CA PRO D 6 -3.27 -7.92 6.34
C PRO D 6 -3.75 -7.41 7.71
N PRO D 7 -5.06 -7.42 7.93
CA PRO D 7 -5.57 -6.97 9.23
C PRO D 7 -5.01 -7.82 10.37
N LEU D 8 -4.64 -7.14 11.46
CA LEU D 8 -4.06 -7.70 12.67
C LEU D 8 -2.54 -7.84 12.57
N TRP D 9 -1.99 -7.69 11.37
CA TRP D 9 -0.55 -7.63 11.21
C TRP D 9 -0.06 -6.21 11.13
N THR D 10 1.24 -6.01 11.35
CA THR D 10 1.82 -4.65 11.31
C THR D 10 3.16 -4.64 10.57
N GLY D 11 3.44 -3.58 9.81
CA GLY D 11 4.56 -3.63 8.84
C GLY D 11 5.72 -2.73 9.21
N PHE D 12 6.92 -3.16 8.84
CA PHE D 12 8.12 -2.35 9.04
C PHE D 12 9.06 -2.74 7.91
N ASN D 13 9.51 -1.73 7.15
CA ASN D 13 10.55 -1.96 6.12
C ASN D 13 10.18 -3.06 5.10
N GLY D 14 8.91 -3.15 4.74
CA GLY D 14 8.44 -4.10 3.74
C GLY D 14 8.03 -5.50 4.21
N LYS D 15 8.10 -5.74 5.51
CA LYS D 15 7.75 -7.04 6.09
C LYS D 15 6.58 -6.90 7.05
N CYS D 16 5.75 -7.94 7.15
CA CYS D 16 4.59 -7.90 8.00
C CYS D 16 4.77 -8.82 9.19
N PHE D 17 4.52 -8.30 10.38
CA PHE D 17 4.74 -9.03 11.64
C PHE D 17 3.48 -9.13 12.49
N ARG D 18 3.47 -10.11 13.39
CA ARG D 18 2.37 -10.23 14.36
C ARG D 18 2.87 -10.98 15.61
N LEU D 19 2.57 -10.41 16.77
CA LEU D 19 2.87 -11.05 18.05
C LEU D 19 1.73 -11.94 18.46
N PHE D 20 2.03 -13.22 18.76
CA PHE D 20 1.01 -14.17 19.20
C PHE D 20 1.19 -14.47 20.67
N HIS D 21 0.06 -14.64 21.37
CA HIS D 21 0.03 -14.69 22.84
C HIS D 21 0.02 -16.09 23.44
N ASN D 22 -0.27 -17.08 22.61
CA ASN D 22 -0.22 -18.46 23.10
C ASN D 22 1.23 -18.86 23.34
N HIS D 23 1.51 -19.51 24.47
CA HIS D 23 2.87 -19.87 24.75
C HIS D 23 3.19 -21.22 24.11
N LEU D 24 4.13 -21.22 23.16
CA LEU D 24 4.55 -22.42 22.44
C LEU D 24 6.04 -22.69 22.55
N ASN D 25 6.43 -23.97 22.43
CA ASN D 25 7.87 -24.24 22.35
C ASN D 25 8.39 -23.78 20.98
N PHE D 26 9.71 -23.77 20.79
CA PHE D 26 10.26 -23.18 19.62
C PHE D 26 9.73 -23.85 18.35
N ASP D 27 9.79 -25.17 18.30
CA ASP D 27 9.35 -25.88 17.10
C ASP D 27 7.89 -25.64 16.81
N ASN D 28 7.06 -25.62 17.84
CA ASN D 28 5.64 -25.40 17.65
C ASN D 28 5.33 -23.97 17.22
N ALA D 29 6.12 -23.00 17.73
CA ALA D 29 5.95 -21.59 17.35
C ALA D 29 6.31 -21.43 15.86
N GLU D 30 7.42 -22.05 15.45
CA GLU D 30 7.79 -22.00 14.05
C GLU D 30 6.71 -22.65 13.20
N ASN D 31 6.17 -23.77 13.66
CA ASN D 31 5.11 -24.44 12.88
C ASN D 31 3.85 -23.57 12.78
N ALA D 32 3.51 -22.89 13.87
CA ALA D 32 2.41 -21.95 13.89
C ALA D 32 2.61 -20.86 12.83
N CYS D 33 3.80 -20.27 12.77
CA CYS D 33 4.06 -19.26 11.74
C CYS D 33 3.99 -19.77 10.30
N ARG D 34 4.30 -21.06 10.08
CA ARG D 34 4.28 -21.70 8.76
C ARG D 34 2.84 -21.96 8.30
N GLN D 35 1.86 -21.73 9.17
CA GLN D 35 0.47 -21.89 8.76
C GLN D 35 0.02 -20.71 7.90
N PHE D 36 0.77 -19.61 7.93
CA PHE D 36 0.48 -18.46 7.09
C PHE D 36 1.35 -18.60 5.86
N GLY D 37 0.91 -18.01 4.75
CA GLY D 37 1.67 -18.24 3.55
C GLY D 37 1.48 -17.17 2.51
N LEU D 38 2.00 -17.45 1.33
CA LEU D 38 1.85 -16.58 0.15
C LEU D 38 1.54 -17.51 -1.00
N ALA D 39 0.48 -17.22 -1.75
CA ALA D 39 0.09 -18.10 -2.85
C ALA D 39 -0.11 -17.27 -4.11
N SER D 40 -0.01 -17.91 -5.27
CA SER D 40 -0.40 -17.19 -6.49
C SER D 40 -1.92 -17.08 -6.54
N CYS D 41 -2.42 -16.12 -7.32
CA CYS D 41 -3.87 -15.86 -7.35
C CYS D 41 -4.66 -16.98 -7.98
N SER D 42 -3.97 -17.81 -8.73
CA SER D 42 -4.60 -18.98 -9.32
C SER D 42 -4.46 -20.17 -8.36
N GLY D 43 -3.83 -19.94 -7.22
CA GLY D 43 -3.82 -20.93 -6.13
C GLY D 43 -2.61 -21.84 -5.88
N ASP D 44 -1.44 -21.54 -6.46
CA ASP D 44 -0.20 -22.25 -6.12
C ASP D 44 0.44 -21.68 -4.82
N GLU D 45 0.65 -22.49 -3.76
CA GLU D 45 1.42 -21.96 -2.61
C GLU D 45 2.88 -21.72 -2.99
N LEU D 46 3.41 -20.54 -2.69
CA LEU D 46 4.75 -20.15 -3.09
C LEU D 46 5.72 -20.05 -1.94
N ALA D 47 5.20 -19.71 -0.77
CA ALA D 47 6.07 -19.48 0.37
C ALA D 47 5.29 -19.57 1.67
N THR D 48 6.02 -19.75 2.75
CA THR D 48 5.40 -19.93 4.03
C THR D 48 5.92 -18.85 4.97
N GLY D 49 5.11 -18.48 5.97
CA GLY D 49 5.57 -17.62 7.08
C GLY D 49 6.57 -18.34 7.97
N HIS D 50 7.21 -17.57 8.85
CA HIS D 50 8.26 -18.08 9.77
C HIS D 50 8.28 -17.23 11.01
N LEU D 51 8.96 -17.72 12.06
CA LEU D 51 9.31 -16.82 13.15
C LEU D 51 10.16 -15.68 12.55
N ALA D 52 10.02 -14.48 13.12
CA ALA D 52 10.68 -13.28 12.60
C ALA D 52 12.18 -13.42 12.56
N SER D 53 12.77 -12.97 11.45
CA SER D 53 14.19 -12.66 11.43
C SER D 53 14.42 -11.14 11.54
N ILE D 54 15.65 -10.75 11.90
CA ILE D 54 15.95 -9.36 12.25
C ILE D 54 17.29 -8.98 11.63
N HIS D 55 17.30 -7.88 10.88
CA HIS D 55 18.45 -7.61 10.01
C HIS D 55 19.06 -6.25 10.14
N SER D 56 18.60 -5.52 11.13
CA SER D 56 19.16 -4.21 11.40
C SER D 56 18.78 -3.68 12.77
N ALA D 57 19.51 -2.65 13.19
CA ALA D 57 19.21 -2.01 14.48
C ALA D 57 17.79 -1.41 14.51
N GLU D 58 17.35 -0.89 13.36
CA GLU D 58 16.03 -0.28 13.25
C GLU D 58 14.96 -1.37 13.32
N SER D 59 15.20 -2.51 12.71
CA SER D 59 14.18 -3.60 12.79
C SER D 59 14.14 -4.11 14.23
N GLN D 60 15.32 -4.20 14.85
CA GLN D 60 15.41 -4.60 16.25
C GLN D 60 14.61 -3.67 17.19
N ALA D 61 14.75 -2.38 16.94
CA ALA D 61 14.07 -1.36 17.71
C ALA D 61 12.55 -1.44 17.56
N PHE D 62 12.12 -1.63 16.31
CA PHE D 62 10.69 -1.81 15.99
C PHE D 62 10.12 -3.02 16.71
N LEU D 63 10.77 -4.17 16.59
CA LEU D 63 10.21 -5.37 17.25
C LEU D 63 10.21 -5.27 18.78
N THR D 64 11.24 -4.63 19.33
CA THR D 64 11.26 -4.32 20.77
C THR D 64 10.05 -3.47 21.16
N GLU D 65 9.75 -2.43 20.38
CA GLU D 65 8.59 -1.57 20.66
C GLU D 65 7.30 -2.35 20.51
N LEU D 66 7.21 -3.22 19.51
CA LEU D 66 6.04 -4.08 19.33
C LEU D 66 5.76 -4.91 20.59
N VAL D 67 6.80 -5.53 21.12
CA VAL D 67 6.68 -6.32 22.34
C VAL D 67 6.29 -5.46 23.54
N LYS D 68 7.04 -4.39 23.76
CA LYS D 68 6.83 -3.58 24.95
C LYS D 68 5.48 -2.88 24.96
N THR D 69 5.01 -2.44 23.79
CA THR D 69 3.72 -1.76 23.74
C THR D 69 2.55 -2.73 23.77
N SER D 70 2.81 -3.99 23.45
CA SER D 70 1.76 -5.04 23.48
C SER D 70 1.64 -5.74 24.83
N LEU D 71 2.75 -5.75 25.57
CA LEU D 71 2.90 -6.50 26.81
C LEU D 71 3.37 -5.59 27.96
N PRO D 72 2.79 -4.37 28.09
CA PRO D 72 3.41 -3.39 29.02
C PRO D 72 3.38 -3.84 30.49
N ASP D 73 2.35 -4.55 30.89
CA ASP D 73 2.24 -5.02 32.28
C ASP D 73 3.13 -6.19 32.61
N LEU D 74 3.82 -6.70 31.60
CA LEU D 74 4.64 -7.88 31.79
C LEU D 74 6.12 -7.57 31.84
N ILE D 75 6.46 -6.31 31.53
CA ILE D 75 7.85 -5.85 31.57
C ILE D 75 8.39 -5.93 33.01
N THR D 76 9.48 -6.68 33.20
CA THR D 76 10.10 -6.85 34.51
C THR D 76 11.42 -6.08 34.55
N GLY D 77 12.08 -6.05 35.71
CA GLY D 77 13.42 -5.44 35.79
C GLY D 77 14.49 -6.41 35.32
N GLY D 78 14.09 -7.64 34.98
CA GLY D 78 15.06 -8.65 34.49
C GLY D 78 15.00 -8.88 32.98
N TRP D 79 14.88 -10.15 32.57
CA TRP D 79 14.84 -10.52 31.16
C TRP D 79 13.42 -10.54 30.59
N ALA D 80 12.47 -10.93 31.43
CA ALA D 80 11.08 -11.16 31.02
C ALA D 80 10.35 -9.85 30.68
N PRO D 81 9.44 -9.88 29.69
CA PRO D 81 9.00 -11.07 28.94
C PRO D 81 9.94 -11.44 27.80
N GLN D 82 10.10 -12.75 27.58
CA GLN D 82 10.86 -13.26 26.46
C GLN D 82 9.91 -13.73 25.37
N VAL D 83 10.23 -13.33 24.15
CA VAL D 83 9.42 -13.62 22.97
C VAL D 83 10.25 -14.27 21.86
N TYR D 84 9.84 -15.46 21.40
CA TYR D 84 10.60 -16.15 20.36
C TYR D 84 10.69 -15.37 19.05
N ILE D 85 11.90 -15.38 18.47
CA ILE D 85 12.19 -15.01 17.11
C ILE D 85 12.86 -16.26 16.46
N GLY D 86 13.11 -16.18 15.17
CA GLY D 86 13.51 -17.36 14.40
C GLY D 86 14.97 -17.74 14.48
N MET D 87 15.66 -17.40 15.58
CA MET D 87 17.11 -17.63 15.65
C MET D 87 17.48 -18.99 16.25
N LYS D 88 18.34 -19.74 15.55
CA LYS D 88 18.81 -21.05 16.05
C LYS D 88 20.32 -20.95 16.23
N VAL D 89 20.82 -21.36 17.41
CA VAL D 89 22.27 -21.40 17.67
C VAL D 89 22.66 -22.86 17.69
N GLY D 90 23.63 -23.23 16.84
CA GLY D 90 23.95 -24.64 16.63
C GLY D 90 25.00 -25.19 17.59
N SER D 91 25.91 -26.01 17.05
CA SER D 91 26.87 -26.75 17.89
C SER D 91 27.87 -25.85 18.58
N THR D 92 28.21 -24.74 17.93
CA THR D 92 29.01 -23.67 18.52
C THR D 92 28.29 -22.34 18.39
N ASN D 93 28.77 -21.33 19.12
CA ASN D 93 28.06 -20.06 19.15
C ASN D 93 28.06 -19.36 17.81
N SER D 94 29.00 -19.72 16.94
CA SER D 94 29.05 -19.06 15.65
C SER D 94 28.09 -19.65 14.61
N ASP D 95 27.45 -20.77 14.93
CA ASP D 95 26.54 -21.45 14.01
C ASP D 95 25.15 -20.86 14.20
N GLN D 96 24.92 -19.66 13.67
CA GLN D 96 23.65 -18.99 13.87
C GLN D 96 22.92 -18.99 12.55
N THR D 97 21.63 -19.33 12.58
CA THR D 97 20.80 -19.31 11.37
C THR D 97 19.41 -18.80 11.72
N TRP D 98 18.72 -18.27 10.71
CA TRP D 98 17.32 -17.90 10.84
C TRP D 98 16.46 -18.98 10.18
N THR D 99 15.30 -19.28 10.79
CA THR D 99 14.36 -20.26 10.22
C THR D 99 13.90 -19.91 8.79
N ASP D 100 13.87 -18.62 8.45
CA ASP D 100 13.47 -18.21 7.10
C ASP D 100 14.59 -18.30 6.05
N GLY D 101 15.75 -18.78 6.46
CA GLY D 101 16.89 -18.93 5.53
C GLY D 101 17.66 -17.67 5.22
N SER D 102 17.27 -16.55 5.84
CA SER D 102 17.92 -15.27 5.61
C SER D 102 19.27 -15.18 6.29
N SER D 103 20.10 -14.26 5.84
CA SER D 103 21.44 -14.14 6.42
C SER D 103 21.44 -13.55 7.83
N VAL D 104 22.36 -14.05 8.66
CA VAL D 104 22.56 -13.48 9.99
C VAL D 104 23.51 -12.31 9.81
N ASP D 105 22.97 -11.17 9.36
CA ASP D 105 23.79 -9.95 9.13
C ASP D 105 23.66 -8.88 10.20
N TYR D 106 22.92 -9.17 11.27
CA TYR D 106 22.78 -8.24 12.35
C TYR D 106 22.90 -9.01 13.65
N ASP D 107 23.65 -8.45 14.58
CA ASP D 107 23.95 -9.04 15.88
C ASP D 107 23.20 -8.27 16.95
N GLY D 108 22.13 -8.88 17.44
CA GLY D 108 21.31 -8.24 18.45
C GLY D 108 21.38 -8.88 19.82
N TRP D 109 22.41 -9.70 20.07
CA TRP D 109 22.52 -10.42 21.36
C TRP D 109 22.86 -9.51 22.53
N VAL D 110 22.24 -9.78 23.67
CA VAL D 110 22.67 -9.19 24.96
C VAL D 110 24.12 -9.63 25.16
N SER D 111 24.92 -8.73 25.71
CA SER D 111 26.28 -9.01 26.09
C SER D 111 26.34 -10.29 26.96
N GLY D 112 27.15 -11.26 26.54
CA GLY D 112 27.27 -12.55 27.20
C GLY D 112 26.44 -13.66 26.58
N GLU D 113 25.50 -13.32 25.68
CA GLU D 113 24.65 -14.29 24.96
C GLU D 113 25.16 -14.47 23.53
N PRO D 114 25.01 -15.67 22.93
CA PRO D 114 24.42 -16.90 23.47
C PRO D 114 25.35 -17.59 24.47
N ASN D 115 24.76 -18.26 25.45
CA ASN D 115 25.57 -18.98 26.45
C ASN D 115 24.92 -20.27 26.90
N ASN D 116 23.89 -20.68 26.18
CA ASN D 116 23.22 -21.93 26.54
C ASN D 116 23.28 -22.97 25.44
N GLY D 117 24.30 -22.88 24.59
CA GLY D 117 24.54 -23.87 23.55
C GLY D 117 24.91 -25.25 24.10
N PRO D 118 24.90 -26.26 23.24
CA PRO D 118 24.57 -26.16 21.83
C PRO D 118 23.05 -26.20 21.57
N ASN D 119 22.63 -25.80 20.37
CA ASN D 119 21.25 -25.96 19.95
C ASN D 119 20.25 -25.24 20.82
N SER D 120 20.58 -23.99 21.08
CA SER D 120 19.68 -23.09 21.82
C SER D 120 18.95 -22.17 20.82
N ARG D 121 18.04 -21.35 21.35
CA ARG D 121 17.13 -20.60 20.43
C ARG D 121 17.06 -19.17 20.92
N GLY D 122 16.91 -18.23 19.99
CA GLY D 122 16.90 -16.82 20.40
C GLY D 122 15.51 -16.29 20.73
N ALA D 123 15.47 -15.36 21.66
CA ALA D 123 14.22 -14.71 22.08
C ALA D 123 14.54 -13.22 22.34
N ILE D 124 13.67 -12.34 21.88
CA ILE D 124 13.71 -10.95 22.37
C ILE D 124 13.41 -10.98 23.86
N ALA D 125 14.31 -10.41 24.68
CA ALA D 125 14.09 -10.37 26.12
C ALA D 125 13.81 -8.92 26.54
N ALA D 126 12.53 -8.59 26.67
CA ALA D 126 12.06 -7.16 26.74
C ALA D 126 12.08 -6.55 28.13
N GLY D 127 12.51 -7.33 29.10
CA GLY D 127 12.65 -6.83 30.47
C GLY D 127 13.77 -5.80 30.51
N ASP D 128 13.81 -5.03 31.60
CA ASP D 128 14.70 -3.90 31.67
C ASP D 128 16.19 -4.21 31.69
N TYR D 129 16.58 -5.42 32.09
CA TYR D 129 18.00 -5.78 32.06
C TYR D 129 18.50 -5.84 30.62
N SER D 130 17.68 -6.46 29.76
CA SER D 130 18.07 -6.81 28.40
C SER D 130 17.57 -5.83 27.31
N ARG D 131 16.53 -5.06 27.63
CA ARG D 131 16.05 -3.96 26.79
C ARG D 131 15.64 -4.41 25.38
N GLY D 132 15.14 -5.63 25.27
CA GLY D 132 14.70 -6.21 24.00
C GLY D 132 15.76 -6.96 23.24
N PHE D 133 17.03 -6.80 23.61
CA PHE D 133 18.09 -7.56 22.96
C PHE D 133 17.99 -9.06 23.29
N TRP D 134 18.75 -9.88 22.56
CA TRP D 134 18.38 -11.32 22.52
C TRP D 134 19.07 -12.10 23.59
N ALA D 135 18.29 -13.03 24.14
CA ALA D 135 18.78 -14.08 25.02
C ALA D 135 18.65 -15.42 24.28
N ASP D 136 19.58 -16.35 24.50
CA ASP D 136 19.31 -17.70 24.05
C ASP D 136 18.71 -18.55 25.17
N VAL D 137 17.76 -19.40 24.78
CA VAL D 137 16.97 -20.21 25.71
C VAL D 137 16.88 -21.61 25.16
N TYR D 138 16.42 -22.55 25.98
CA TYR D 138 16.26 -23.90 25.50
C TYR D 138 14.95 -23.96 24.76
N SER D 139 14.95 -24.76 23.71
CA SER D 139 13.82 -24.85 22.78
C SER D 139 12.57 -25.40 23.44
N ASN D 140 12.73 -26.12 24.55
CA ASN D 140 11.55 -26.63 25.26
C ASN D 140 10.77 -25.57 26.04
N ASN D 141 11.34 -24.37 26.17
CA ASN D 141 10.65 -23.28 26.87
C ASN D 141 9.44 -22.81 26.05
N ASN D 142 8.30 -22.61 26.70
CA ASN D 142 7.09 -22.12 26.04
C ASN D 142 6.96 -20.61 26.20
N PHE D 143 7.04 -19.87 25.10
CA PHE D 143 6.98 -18.41 25.14
C PHE D 143 6.01 -17.90 24.06
N LYS D 144 5.56 -16.66 24.26
CA LYS D 144 4.98 -15.86 23.14
C LYS D 144 5.97 -15.81 21.98
N TYR D 145 5.50 -15.43 20.80
CA TYR D 145 6.39 -15.54 19.61
C TYR D 145 5.91 -14.53 18.56
N ILE D 146 6.85 -14.05 17.74
CA ILE D 146 6.52 -13.13 16.65
C ILE D 146 6.69 -13.85 15.33
N CYS D 147 5.63 -13.83 14.51
CA CYS D 147 5.71 -14.36 13.14
C CYS D 147 5.93 -13.24 12.13
N GLN D 148 6.54 -13.59 11.01
CA GLN D 148 6.57 -12.70 9.84
C GLN D 148 5.84 -13.43 8.72
N LEU D 149 5.11 -12.68 7.88
CA LEU D 149 4.64 -13.24 6.61
C LEU D 149 5.78 -13.33 5.60
N PRO D 150 5.64 -14.18 4.55
CA PRO D 150 6.67 -14.29 3.53
C PRO D 150 7.11 -12.91 3.04
N CYS D 151 8.41 -12.67 3.06
CA CYS D 151 8.99 -11.42 2.61
C CYS D 151 9.29 -11.58 1.11
N VAL D 152 8.60 -10.80 0.27
CA VAL D 152 8.81 -10.90 -1.18
C VAL D 152 8.98 -9.52 -1.83
N HIS D 153 9.60 -9.48 -3.00
CA HIS D 153 9.74 -8.24 -3.77
C HIS D 153 9.73 -8.54 -5.27
N TYR D 154 9.27 -7.57 -6.05
CA TYR D 154 9.28 -7.73 -7.51
C TYR D 154 10.73 -7.65 -8.01
N THR D 155 11.03 -8.42 -9.04
CA THR D 155 12.34 -8.42 -9.67
C THR D 155 12.10 -7.83 -11.07
N LEU D 156 12.61 -6.61 -11.27
CA LEU D 156 12.25 -5.80 -12.45
C LEU D 156 13.35 -5.80 -13.50
N GLU D 157 14.23 -6.79 -13.39
CA GLU D 157 15.32 -6.96 -14.33
C GLU D 157 14.85 -7.36 -15.74
C1 FRU E . 19.72 26.02 -30.31
C2 FRU E . 18.75 27.11 -29.82
C3 FRU E . 19.32 28.52 -30.04
C4 FRU E . 18.61 29.35 -28.98
C5 FRU E . 18.33 28.36 -27.84
C6 FRU E . 16.91 28.52 -27.32
O1 FRU E . 20.95 26.10 -29.57
O2 FRU E . 17.47 27.00 -30.50
O3 FRU E . 19.10 29.02 -31.36
O4 FRU E . 19.38 30.47 -28.53
O5 FRU E . 18.51 27.03 -28.39
O6 FRU E . 16.94 29.34 -26.15
C1 GLC E . 16.60 25.99 -29.92
C2 GLC E . 16.10 25.05 -31.02
C3 GLC E . 15.07 25.77 -31.90
C4 GLC E . 13.94 26.34 -31.06
C5 GLC E . 14.43 27.19 -29.89
C6 GLC E . 13.24 27.61 -29.01
O2 GLC E . 17.22 24.64 -31.82
O3 GLC E . 14.55 24.83 -32.85
O4 GLC E . 13.13 27.16 -31.91
O5 GLC E . 15.50 26.54 -29.17
O6 GLC E . 13.62 28.14 -27.73
C1 GLA E . 12.57 28.69 -26.92
C2 GLA E . 13.18 29.48 -25.76
C3 GLA E . 13.89 28.60 -24.74
C4 GLA E . 12.96 27.48 -24.25
C5 GLA E . 12.34 26.77 -25.47
C6 GLA E . 11.33 25.68 -25.09
O2 GLA E . 14.18 30.42 -26.26
O3 GLA E . 14.34 29.41 -23.64
O4 GLA E . 11.93 28.09 -23.48
O5 GLA E . 11.68 27.70 -26.34
O6 GLA E . 10.22 26.32 -24.47
C1 FRU F . -16.74 -5.47 -41.25
C2 FRU F . -15.65 -6.54 -41.33
C3 FRU F . -15.90 -7.64 -42.37
C4 FRU F . -15.06 -8.79 -41.82
C5 FRU F . -15.30 -8.66 -40.33
C6 FRU F . -14.10 -9.08 -39.46
O1 FRU F . -17.98 -6.16 -41.00
O2 FRU F . -14.38 -5.93 -41.63
O3 FRU F . -15.52 -7.28 -43.70
O4 FRU F . -15.50 -10.06 -42.29
O5 FRU F . -15.56 -7.25 -40.10
O6 FRU F . -13.80 -10.49 -39.62
C1 GLC F . -13.77 -5.14 -40.61
C2 GLC F . -13.34 -3.81 -41.22
C3 GLC F . -12.29 -4.05 -42.29
C4 GLC F . -11.09 -4.84 -41.76
C5 GLC F . -11.56 -6.12 -41.12
C6 GLC F . -10.33 -6.73 -40.39
O2 GLC F . -14.53 -3.17 -41.78
O3 GLC F . -11.80 -2.81 -42.79
O4 GLC F . -10.26 -5.21 -42.88
O5 GLC F . -12.59 -5.86 -40.15
O6 GLC F . -10.75 -7.94 -39.79
C1 GLA F . -9.64 -8.84 -39.57
C2 GLA F . -10.20 -10.17 -39.05
C3 GLA F . -10.88 -9.98 -37.68
C4 GLA F . -10.02 -9.29 -36.61
C5 GLA F . -9.42 -8.05 -37.27
C6 GLA F . -8.37 -7.37 -36.39
O2 GLA F . -11.18 -10.64 -40.00
O3 GLA F . -11.25 -11.28 -37.19
O4 GLA F . -9.05 -10.29 -36.34
O5 GLA F . -8.77 -8.36 -38.51
O6 GLA F . -7.34 -8.30 -36.03
C1 FRU G . -27.39 -9.29 32.75
C2 FRU G . -27.33 -7.85 33.28
C3 FRU G . -28.64 -7.36 33.88
C4 FRU G . -28.57 -5.87 33.67
C5 FRU G . -27.88 -5.77 32.31
C6 FRU G . -26.88 -4.64 32.37
O1 FRU G . -27.67 -10.17 33.83
O2 FRU G . -26.28 -7.67 34.25
O3 FRU G . -28.79 -7.59 35.30
O4 FRU G . -29.83 -5.19 33.80
O5 FRU G . -27.11 -6.96 32.16
O6 FRU G . -27.63 -3.45 32.64
C1 GLC G . -24.92 -7.73 33.81
C2 GLC G . -24.10 -8.64 34.70
C3 GLC G . -24.00 -8.02 36.11
C4 GLC G . -23.39 -6.63 36.04
C5 GLC G . -24.18 -5.73 35.07
C6 GLC G . -23.39 -4.47 34.80
O2 GLC G . -24.75 -9.92 34.63
O3 GLC G . -23.16 -8.82 36.97
O4 GLC G . -23.38 -6.02 37.31
O5 GLC G . -24.36 -6.40 33.81
O6 GLC G . -24.21 -3.59 33.98
C1 GLA G . -23.74 -2.25 33.98
C2 GLA G . -24.69 -1.44 33.10
C3 GLA G . -24.58 -1.89 31.64
C4 GLA G . -23.14 -1.84 31.09
C5 GLA G . -22.22 -2.62 32.06
C6 GLA G . -20.73 -2.48 31.79
O2 GLA G . -26.06 -1.54 33.60
O3 GLA G . -25.45 -1.04 30.87
O4 GLA G . -22.80 -0.45 30.98
O5 GLA G . -22.43 -2.14 33.39
O6 GLA G . -20.37 -1.10 31.57
C1 FRU H . 21.61 -12.76 38.40
C2 FRU H . 21.65 -13.85 37.32
C3 FRU H . 22.75 -14.89 37.55
C4 FRU H . 22.98 -15.42 36.14
C5 FRU H . 22.82 -14.16 35.28
C6 FRU H . 22.25 -14.44 33.87
O1 FRU H . 22.92 -12.23 38.68
O2 FRU H . 20.38 -14.54 37.32
O3 FRU H . 22.40 -15.92 38.49
O4 FRU H . 24.27 -16.06 36.00
O5 FRU H . 21.92 -13.30 36.00
O6 FRU H . 23.15 -15.29 33.14
C1 GLC H . 19.31 -13.88 36.65
C2 GLC H . 18.08 -13.93 37.55
C3 GLC H . 17.60 -15.36 37.74
C4 GLC H . 17.31 -15.98 36.37
C5 GLC H . 18.53 -15.84 35.45
C6 GLC H . 18.10 -16.16 34.02
O2 GLC H . 18.44 -13.44 38.84
O3 GLC H . 16.43 -15.41 38.58
O4 GLC H . 17.02 -17.37 36.60
O5 GLC H . 19.12 -14.53 35.37
O6 GLC H . 19.27 -16.19 33.21
C1 GLA H . 19.13 -17.23 32.23
C2 GLA H . 20.39 -17.39 31.39
C3 GLA H . 20.65 -16.16 30.53
C4 GLA H . 19.41 -15.77 29.72
C5 GLA H . 18.20 -15.69 30.65
C6 GLA H . 16.87 -15.36 30.01
O2 GLA H . 21.50 -17.63 32.30
O3 GLA H . 21.70 -16.47 29.60
O4 GLA H . 19.26 -16.77 28.69
O5 GLA H . 18.01 -16.91 31.39
O6 GLA H . 16.63 -16.39 29.05
C1 EDO I . 8.62 31.06 -24.19
O1 EDO I . 7.32 30.49 -24.33
C2 EDO I . 9.67 30.19 -24.84
O2 EDO I . 9.78 30.61 -26.20
C1 EDO J . 5.86 21.34 -26.81
O1 EDO J . 5.27 20.07 -27.04
C2 EDO J . 7.02 21.53 -27.75
O2 EDO J . 7.00 22.87 -28.24
CA CA K . 12.67 29.71 -21.69
C1 EDO L . -2.42 -10.73 -41.09
O1 EDO L . -1.95 -11.65 -40.07
C2 EDO L . -2.00 -9.31 -40.71
O2 EDO L . -0.60 -9.23 -40.88
CA CA M . -9.64 -12.57 -35.81
C1 EDO N . -18.98 9.13 7.13
O1 EDO N . -19.90 10.19 7.37
C2 EDO N . -19.63 7.77 7.39
O2 EDO N . -18.73 6.66 7.20
C1 EDO O . -2.71 -8.32 27.66
O1 EDO O . -1.26 -8.28 27.75
C2 EDO O . -3.39 -9.31 28.63
O2 EDO O . -3.76 -10.59 28.03
C1 EDO P . -18.50 0.67 33.25
O1 EDO P . -19.72 0.21 33.87
C2 EDO P . -17.79 1.49 34.31
O2 EDO P . -16.90 0.74 35.17
C1 EDO Q . -26.08 1.21 36.37
O1 EDO Q . -26.33 0.89 34.99
C2 EDO Q . -24.65 1.74 36.55
O2 EDO Q . -23.73 0.65 36.45
CA CA R . -24.49 1.03 29.93
C1 EDO S . 17.68 -19.53 29.35
O1 EDO S . 16.72 -18.88 30.25
C2 EDO S . 17.66 -21.06 29.33
O2 EDO S . 16.33 -21.54 28.99
C1 EDO T . 10.66 -14.77 30.69
O1 EDO T . 10.98 -15.86 31.52
C2 EDO T . 9.63 -15.32 29.77
O2 EDO T . 8.53 -14.44 29.72
CA CA U . 21.11 -17.64 27.53
#